data_3QIK
# 
_entry.id   3QIK 
# 
_audit_conform.dict_name       mmcif_pdbx.dic 
_audit_conform.dict_version    5.387 
_audit_conform.dict_location   http://mmcif.pdb.org/dictionaries/ascii/mmcif_pdbx.dic 
# 
loop_
_database_2.database_id 
_database_2.database_code 
_database_2.pdbx_database_accession 
_database_2.pdbx_DOI 
PDB   3QIK         pdb_00003qik 10.2210/pdb3qik/pdb 
RCSB  RCSB063689   ?            ?                   
WWPDB D_1000063689 ?            ?                   
# 
loop_
_pdbx_audit_revision_history.ordinal 
_pdbx_audit_revision_history.data_content_type 
_pdbx_audit_revision_history.major_revision 
_pdbx_audit_revision_history.minor_revision 
_pdbx_audit_revision_history.revision_date 
1 'Structure model' 1 0 2011-02-16 
2 'Structure model' 1 1 2011-07-13 
3 'Structure model' 1 2 2017-11-08 
4 'Structure model' 1 3 2024-02-21 
# 
_pdbx_audit_revision_details.ordinal             1 
_pdbx_audit_revision_details.revision_ordinal    1 
_pdbx_audit_revision_details.data_content_type   'Structure model' 
_pdbx_audit_revision_details.provider            repository 
_pdbx_audit_revision_details.type                'Initial release' 
_pdbx_audit_revision_details.description         ? 
_pdbx_audit_revision_details.details             ? 
# 
loop_
_pdbx_audit_revision_group.ordinal 
_pdbx_audit_revision_group.revision_ordinal 
_pdbx_audit_revision_group.data_content_type 
_pdbx_audit_revision_group.group 
1 2 'Structure model' 'Version format compliance' 
2 3 'Structure model' 'Refinement description'    
3 4 'Structure model' 'Data collection'           
4 4 'Structure model' 'Database references'       
# 
loop_
_pdbx_audit_revision_category.ordinal 
_pdbx_audit_revision_category.revision_ordinal 
_pdbx_audit_revision_category.data_content_type 
_pdbx_audit_revision_category.category 
1 3 'Structure model' software           
2 4 'Structure model' chem_comp_atom     
3 4 'Structure model' chem_comp_bond     
4 4 'Structure model' database_2         
5 4 'Structure model' struct_ref_seq_dif 
# 
loop_
_pdbx_audit_revision_item.ordinal 
_pdbx_audit_revision_item.revision_ordinal 
_pdbx_audit_revision_item.data_content_type 
_pdbx_audit_revision_item.item 
1 4 'Structure model' '_database_2.pdbx_DOI'                
2 4 'Structure model' '_database_2.pdbx_database_accession' 
3 4 'Structure model' '_struct_ref_seq_dif.details'         
# 
_pdbx_database_status.entry_id                        3QIK 
_pdbx_database_status.status_code                     REL 
_pdbx_database_status.deposit_site                    RCSB 
_pdbx_database_status.process_site                    RCSB 
_pdbx_database_status.recvd_initial_deposition_date   2011-01-27 
_pdbx_database_status.status_code_sf                  REL 
_pdbx_database_status.status_code_mr                  ? 
_pdbx_database_status.SG_entry                        Y 
_pdbx_database_status.status_code_cs                  ? 
_pdbx_database_status.pdb_format_compatible           Y 
_pdbx_database_status.methods_development_category    ? 
_pdbx_database_status.status_code_nmr_data            ? 
# 
loop_
_audit_author.name 
_audit_author.pdbx_ordinal 
'Shen, L.'                             1  
'Tong, Y.'                             2  
'Tempel, W.'                           3  
'Li, Y.'                               4  
'Arrowsmith, C.H.'                     5  
'Edwards, A.M.'                        6  
'Bountra, C.'                          7  
'Weigelt, J.'                          8  
'Park, H.'                             9  
'Structural Genomics Consortium (SGC)' 10 
# 
_citation.id                        primary 
_citation.title                     'Crystal structure of the first PDZ domain of PREX1' 
_citation.journal_abbrev            'to be published' 
_citation.journal_volume            ? 
_citation.page_first                ? 
_citation.page_last                 ? 
_citation.year                      ? 
_citation.journal_id_ASTM           ? 
_citation.country                   ? 
_citation.journal_id_ISSN           ? 
_citation.journal_id_CSD            0353 
_citation.book_publisher            ? 
_citation.pdbx_database_id_PubMed   ? 
_citation.pdbx_database_id_DOI      ? 
# 
loop_
_citation_author.citation_id 
_citation_author.name 
_citation_author.ordinal 
_citation_author.identifier_ORCID 
primary 'Shen, L.'         1 ? 
primary 'Tong, Y.'         2 ? 
primary 'Tempel, W.'       3 ? 
primary 'Li, Y.'           4 ? 
primary 'Arrowsmith, C.H.' 5 ? 
primary 'Edwards, A.M.'    6 ? 
primary 'Bountra, C.'      7 ? 
primary 'Weigelt, J.'      8 ? 
primary 'Park, H.'         9 ? 
# 
loop_
_entity.id 
_entity.type 
_entity.src_method 
_entity.pdbx_description 
_entity.formula_weight 
_entity.pdbx_number_of_molecules 
_entity.pdbx_ec 
_entity.pdbx_mutation 
_entity.pdbx_fragment 
_entity.details 
1 polymer     man 'Phosphatidylinositol 3,4,5-trisphosphate-dependent Rac exchanger 1 protein' 11519.360 1  ? ? 
'UNP Residues 607-706' ? 
2 non-polymer syn 'UNKNOWN ATOM OR ION'                                                        ?         8  ? ? ? ? 
3 water       nat water                                                                        18.015    16 ? ? ? ? 
# 
_entity_name_com.entity_id   1 
_entity_name_com.name        'P-Rex1, PtdIns(3,4,5)-dependent Rac exchanger 1' 
# 
_entity_poly.entity_id                      1 
_entity_poly.type                           'polypeptide(L)' 
_entity_poly.nstd_linkage                   no 
_entity_poly.nstd_monomer                   no 
_entity_poly.pdbx_seq_one_letter_code       
;GKNKQLRNDFKLVENILAKRLLILPQEEDYGFDIEEKNKAVVVKSVQRGSLAEVAGLQVGRKIYSINEDLVFLRPFSEVE
SILNQSFCSRRPLRLLVATKA
;
_entity_poly.pdbx_seq_one_letter_code_can   
;GKNKQLRNDFKLVENILAKRLLILPQEEDYGFDIEEKNKAVVVKSVQRGSLAEVAGLQVGRKIYSINEDLVFLRPFSEVE
SILNQSFCSRRPLRLLVATKA
;
_entity_poly.pdbx_strand_id                 A 
_entity_poly.pdbx_target_identifier         ? 
# 
loop_
_pdbx_entity_nonpoly.entity_id 
_pdbx_entity_nonpoly.name 
_pdbx_entity_nonpoly.comp_id 
2 'UNKNOWN ATOM OR ION' UNX 
3 water                 HOH 
# 
loop_
_entity_poly_seq.entity_id 
_entity_poly_seq.num 
_entity_poly_seq.mon_id 
_entity_poly_seq.hetero 
1 1   GLY n 
1 2   LYS n 
1 3   ASN n 
1 4   LYS n 
1 5   GLN n 
1 6   LEU n 
1 7   ARG n 
1 8   ASN n 
1 9   ASP n 
1 10  PHE n 
1 11  LYS n 
1 12  LEU n 
1 13  VAL n 
1 14  GLU n 
1 15  ASN n 
1 16  ILE n 
1 17  LEU n 
1 18  ALA n 
1 19  LYS n 
1 20  ARG n 
1 21  LEU n 
1 22  LEU n 
1 23  ILE n 
1 24  LEU n 
1 25  PRO n 
1 26  GLN n 
1 27  GLU n 
1 28  GLU n 
1 29  ASP n 
1 30  TYR n 
1 31  GLY n 
1 32  PHE n 
1 33  ASP n 
1 34  ILE n 
1 35  GLU n 
1 36  GLU n 
1 37  LYS n 
1 38  ASN n 
1 39  LYS n 
1 40  ALA n 
1 41  VAL n 
1 42  VAL n 
1 43  VAL n 
1 44  LYS n 
1 45  SER n 
1 46  VAL n 
1 47  GLN n 
1 48  ARG n 
1 49  GLY n 
1 50  SER n 
1 51  LEU n 
1 52  ALA n 
1 53  GLU n 
1 54  VAL n 
1 55  ALA n 
1 56  GLY n 
1 57  LEU n 
1 58  GLN n 
1 59  VAL n 
1 60  GLY n 
1 61  ARG n 
1 62  LYS n 
1 63  ILE n 
1 64  TYR n 
1 65  SER n 
1 66  ILE n 
1 67  ASN n 
1 68  GLU n 
1 69  ASP n 
1 70  LEU n 
1 71  VAL n 
1 72  PHE n 
1 73  LEU n 
1 74  ARG n 
1 75  PRO n 
1 76  PHE n 
1 77  SER n 
1 78  GLU n 
1 79  VAL n 
1 80  GLU n 
1 81  SER n 
1 82  ILE n 
1 83  LEU n 
1 84  ASN n 
1 85  GLN n 
1 86  SER n 
1 87  PHE n 
1 88  CYS n 
1 89  SER n 
1 90  ARG n 
1 91  ARG n 
1 92  PRO n 
1 93  LEU n 
1 94  ARG n 
1 95  LEU n 
1 96  LEU n 
1 97  VAL n 
1 98  ALA n 
1 99  THR n 
1 100 LYS n 
1 101 ALA n 
# 
_entity_src_gen.entity_id                          1 
_entity_src_gen.pdbx_src_id                        1 
_entity_src_gen.pdbx_alt_source_flag               sample 
_entity_src_gen.pdbx_seq_type                      ? 
_entity_src_gen.pdbx_beg_seq_num                   ? 
_entity_src_gen.pdbx_end_seq_num                   ? 
_entity_src_gen.gene_src_common_name               human 
_entity_src_gen.gene_src_genus                     ? 
_entity_src_gen.pdbx_gene_src_gene                 'PREX1, KIAA1415' 
_entity_src_gen.gene_src_species                   ? 
_entity_src_gen.gene_src_strain                    ? 
_entity_src_gen.gene_src_tissue                    ? 
_entity_src_gen.gene_src_tissue_fraction           ? 
_entity_src_gen.gene_src_details                   ? 
_entity_src_gen.pdbx_gene_src_fragment             ? 
_entity_src_gen.pdbx_gene_src_scientific_name      'Homo sapiens' 
_entity_src_gen.pdbx_gene_src_ncbi_taxonomy_id     9606 
_entity_src_gen.pdbx_gene_src_variant              ? 
_entity_src_gen.pdbx_gene_src_cell_line            ? 
_entity_src_gen.pdbx_gene_src_atcc                 ? 
_entity_src_gen.pdbx_gene_src_organ                ? 
_entity_src_gen.pdbx_gene_src_organelle            ? 
_entity_src_gen.pdbx_gene_src_cell                 ? 
_entity_src_gen.pdbx_gene_src_cellular_location    ? 
_entity_src_gen.host_org_common_name               ? 
_entity_src_gen.pdbx_host_org_scientific_name      'Escherichia coli' 
_entity_src_gen.pdbx_host_org_ncbi_taxonomy_id     562 
_entity_src_gen.host_org_genus                     ? 
_entity_src_gen.pdbx_host_org_gene                 ? 
_entity_src_gen.pdbx_host_org_organ                ? 
_entity_src_gen.host_org_species                   ? 
_entity_src_gen.pdbx_host_org_tissue               ? 
_entity_src_gen.pdbx_host_org_tissue_fraction      ? 
_entity_src_gen.pdbx_host_org_strain               BL21-V2R-pRARE2 
_entity_src_gen.pdbx_host_org_variant              ? 
_entity_src_gen.pdbx_host_org_cell_line            ? 
_entity_src_gen.pdbx_host_org_atcc                 ? 
_entity_src_gen.pdbx_host_org_culture_collection   ? 
_entity_src_gen.pdbx_host_org_cell                 ? 
_entity_src_gen.pdbx_host_org_organelle            ? 
_entity_src_gen.pdbx_host_org_cellular_location    ? 
_entity_src_gen.pdbx_host_org_vector_type          ? 
_entity_src_gen.pdbx_host_org_vector               ? 
_entity_src_gen.host_org_details                   ? 
_entity_src_gen.expression_system_id               ? 
_entity_src_gen.plasmid_name                       pET28-MHL 
_entity_src_gen.plasmid_details                    ? 
_entity_src_gen.pdbx_description                   ? 
# 
loop_
_chem_comp.id 
_chem_comp.type 
_chem_comp.mon_nstd_flag 
_chem_comp.name 
_chem_comp.pdbx_synonyms 
_chem_comp.formula 
_chem_comp.formula_weight 
ALA 'L-peptide linking' y ALANINE               ? 'C3 H7 N O2'     89.093  
ARG 'L-peptide linking' y ARGININE              ? 'C6 H15 N4 O2 1' 175.209 
ASN 'L-peptide linking' y ASPARAGINE            ? 'C4 H8 N2 O3'    132.118 
ASP 'L-peptide linking' y 'ASPARTIC ACID'       ? 'C4 H7 N O4'     133.103 
CYS 'L-peptide linking' y CYSTEINE              ? 'C3 H7 N O2 S'   121.158 
GLN 'L-peptide linking' y GLUTAMINE             ? 'C5 H10 N2 O3'   146.144 
GLU 'L-peptide linking' y 'GLUTAMIC ACID'       ? 'C5 H9 N O4'     147.129 
GLY 'peptide linking'   y GLYCINE               ? 'C2 H5 N O2'     75.067  
HOH non-polymer         . WATER                 ? 'H2 O'           18.015  
ILE 'L-peptide linking' y ISOLEUCINE            ? 'C6 H13 N O2'    131.173 
LEU 'L-peptide linking' y LEUCINE               ? 'C6 H13 N O2'    131.173 
LYS 'L-peptide linking' y LYSINE                ? 'C6 H15 N2 O2 1' 147.195 
PHE 'L-peptide linking' y PHENYLALANINE         ? 'C9 H11 N O2'    165.189 
PRO 'L-peptide linking' y PROLINE               ? 'C5 H9 N O2'     115.130 
SER 'L-peptide linking' y SERINE                ? 'C3 H7 N O3'     105.093 
THR 'L-peptide linking' y THREONINE             ? 'C4 H9 N O3'     119.119 
TYR 'L-peptide linking' y TYROSINE              ? 'C9 H11 N O3'    181.189 
UNX non-polymer         . 'UNKNOWN ATOM OR ION' ? ?                ?       
VAL 'L-peptide linking' y VALINE                ? 'C5 H11 N O2'    117.146 
# 
loop_
_pdbx_poly_seq_scheme.asym_id 
_pdbx_poly_seq_scheme.entity_id 
_pdbx_poly_seq_scheme.seq_id 
_pdbx_poly_seq_scheme.mon_id 
_pdbx_poly_seq_scheme.ndb_seq_num 
_pdbx_poly_seq_scheme.pdb_seq_num 
_pdbx_poly_seq_scheme.auth_seq_num 
_pdbx_poly_seq_scheme.pdb_mon_id 
_pdbx_poly_seq_scheme.auth_mon_id 
_pdbx_poly_seq_scheme.pdb_strand_id 
_pdbx_poly_seq_scheme.pdb_ins_code 
_pdbx_poly_seq_scheme.hetero 
A 1 1   GLY 1   606 606 GLY GLY A . n 
A 1 2   LYS 2   607 607 LYS LYS A . n 
A 1 3   ASN 3   608 608 ASN ASN A . n 
A 1 4   LYS 4   609 609 LYS LYS A . n 
A 1 5   GLN 5   610 610 GLN GLN A . n 
A 1 6   LEU 6   611 611 LEU LEU A . n 
A 1 7   ARG 7   612 612 ARG ARG A . n 
A 1 8   ASN 8   613 613 ASN ASN A . n 
A 1 9   ASP 9   614 614 ASP ASP A . n 
A 1 10  PHE 10  615 615 PHE PHE A . n 
A 1 11  LYS 11  616 616 LYS LYS A . n 
A 1 12  LEU 12  617 617 LEU LEU A . n 
A 1 13  VAL 13  618 618 VAL VAL A . n 
A 1 14  GLU 14  619 619 GLU GLU A . n 
A 1 15  ASN 15  620 620 ASN ASN A . n 
A 1 16  ILE 16  621 621 ILE ILE A . n 
A 1 17  LEU 17  622 622 LEU LEU A . n 
A 1 18  ALA 18  623 623 ALA ALA A . n 
A 1 19  LYS 19  624 624 LYS LYS A . n 
A 1 20  ARG 20  625 625 ARG ARG A . n 
A 1 21  LEU 21  626 626 LEU LEU A . n 
A 1 22  LEU 22  627 627 LEU LEU A . n 
A 1 23  ILE 23  628 628 ILE ILE A . n 
A 1 24  LEU 24  629 629 LEU LEU A . n 
A 1 25  PRO 25  630 630 PRO PRO A . n 
A 1 26  GLN 26  631 631 GLN GLN A . n 
A 1 27  GLU 27  632 632 GLU GLU A . n 
A 1 28  GLU 28  633 633 GLU GLU A . n 
A 1 29  ASP 29  634 634 ASP ASP A . n 
A 1 30  TYR 30  635 635 TYR TYR A . n 
A 1 31  GLY 31  636 636 GLY GLY A . n 
A 1 32  PHE 32  637 637 PHE PHE A . n 
A 1 33  ASP 33  638 638 ASP ASP A . n 
A 1 34  ILE 34  639 639 ILE ILE A . n 
A 1 35  GLU 35  640 640 GLU GLU A . n 
A 1 36  GLU 36  641 641 GLU GLU A . n 
A 1 37  LYS 37  642 642 LYS LYS A . n 
A 1 38  ASN 38  643 643 ASN ASN A . n 
A 1 39  LYS 39  644 644 LYS LYS A . n 
A 1 40  ALA 40  645 645 ALA ALA A . n 
A 1 41  VAL 41  646 646 VAL VAL A . n 
A 1 42  VAL 42  647 647 VAL VAL A . n 
A 1 43  VAL 43  648 648 VAL VAL A . n 
A 1 44  LYS 44  649 649 LYS LYS A . n 
A 1 45  SER 45  650 650 SER SER A . n 
A 1 46  VAL 46  651 651 VAL VAL A . n 
A 1 47  GLN 47  652 652 GLN GLN A . n 
A 1 48  ARG 48  653 653 ARG ARG A . n 
A 1 49  GLY 49  654 654 GLY GLY A . n 
A 1 50  SER 50  655 655 SER SER A . n 
A 1 51  LEU 51  656 656 LEU LEU A . n 
A 1 52  ALA 52  657 657 ALA ALA A . n 
A 1 53  GLU 53  658 658 GLU GLU A . n 
A 1 54  VAL 54  659 659 VAL VAL A . n 
A 1 55  ALA 55  660 660 ALA ALA A . n 
A 1 56  GLY 56  661 661 GLY GLY A . n 
A 1 57  LEU 57  662 662 LEU LEU A . n 
A 1 58  GLN 58  663 663 GLN GLN A . n 
A 1 59  VAL 59  664 664 VAL VAL A . n 
A 1 60  GLY 60  665 665 GLY GLY A . n 
A 1 61  ARG 61  666 666 ARG ARG A . n 
A 1 62  LYS 62  667 667 LYS LYS A . n 
A 1 63  ILE 63  668 668 ILE ILE A . n 
A 1 64  TYR 64  669 669 TYR TYR A . n 
A 1 65  SER 65  670 670 SER SER A . n 
A 1 66  ILE 66  671 671 ILE ILE A . n 
A 1 67  ASN 67  672 672 ASN ASN A . n 
A 1 68  GLU 68  673 673 GLU GLU A . n 
A 1 69  ASP 69  674 674 ASP ASP A . n 
A 1 70  LEU 70  675 675 LEU LEU A . n 
A 1 71  VAL 71  676 676 VAL VAL A . n 
A 1 72  PHE 72  677 677 PHE PHE A . n 
A 1 73  LEU 73  678 678 LEU LEU A . n 
A 1 74  ARG 74  679 679 ARG ARG A . n 
A 1 75  PRO 75  680 680 PRO PRO A . n 
A 1 76  PHE 76  681 681 PHE PHE A . n 
A 1 77  SER 77  682 682 SER SER A . n 
A 1 78  GLU 78  683 683 GLU GLU A . n 
A 1 79  VAL 79  684 684 VAL VAL A . n 
A 1 80  GLU 80  685 685 GLU GLU A . n 
A 1 81  SER 81  686 686 SER SER A . n 
A 1 82  ILE 82  687 687 ILE ILE A . n 
A 1 83  LEU 83  688 688 LEU LEU A . n 
A 1 84  ASN 84  689 689 ASN ASN A . n 
A 1 85  GLN 85  690 690 GLN GLN A . n 
A 1 86  SER 86  691 691 SER SER A . n 
A 1 87  PHE 87  692 692 PHE PHE A . n 
A 1 88  CYS 88  693 693 CYS CYS A . n 
A 1 89  SER 89  694 694 SER SER A . n 
A 1 90  ARG 90  695 695 ARG ARG A . n 
A 1 91  ARG 91  696 696 ARG ARG A . n 
A 1 92  PRO 92  697 697 PRO PRO A . n 
A 1 93  LEU 93  698 698 LEU LEU A . n 
A 1 94  ARG 94  699 699 ARG ARG A . n 
A 1 95  LEU 95  700 700 LEU LEU A . n 
A 1 96  LEU 96  701 701 LEU LEU A . n 
A 1 97  VAL 97  702 702 VAL VAL A . n 
A 1 98  ALA 98  703 703 ALA ALA A . n 
A 1 99  THR 99  704 704 THR THR A . n 
A 1 100 LYS 100 705 705 LYS LYS A . n 
A 1 101 ALA 101 706 706 ALA ALA A . n 
# 
loop_
_pdbx_nonpoly_scheme.asym_id 
_pdbx_nonpoly_scheme.entity_id 
_pdbx_nonpoly_scheme.mon_id 
_pdbx_nonpoly_scheme.ndb_seq_num 
_pdbx_nonpoly_scheme.pdb_seq_num 
_pdbx_nonpoly_scheme.auth_seq_num 
_pdbx_nonpoly_scheme.pdb_mon_id 
_pdbx_nonpoly_scheme.auth_mon_id 
_pdbx_nonpoly_scheme.pdb_strand_id 
_pdbx_nonpoly_scheme.pdb_ins_code 
B 2 UNX 1  1   1  UNX UNX A . 
C 2 UNX 1  2   2  UNX UNX A . 
D 2 UNX 1  3   3  UNX UNX A . 
E 2 UNX 1  4   4  UNX UNX A . 
F 2 UNX 1  5   5  UNX UNX A . 
G 2 UNX 1  6   6  UNX UNX A . 
H 2 UNX 1  7   7  UNX UNX A . 
I 2 UNX 1  8   8  UNX UNX A . 
J 3 HOH 1  9   9  HOH HOH A . 
J 3 HOH 2  10  10 HOH HOH A . 
J 3 HOH 3  11  11 HOH HOH A . 
J 3 HOH 4  12  12 HOH HOH A . 
J 3 HOH 5  13  13 HOH HOH A . 
J 3 HOH 6  14  14 HOH HOH A . 
J 3 HOH 7  15  15 HOH HOH A . 
J 3 HOH 8  16  16 HOH HOH A . 
J 3 HOH 9  17  17 HOH HOH A . 
J 3 HOH 10 707 2  HOH HOH A . 
J 3 HOH 11 708 3  HOH HOH A . 
J 3 HOH 12 709 4  HOH HOH A . 
J 3 HOH 13 710 5  HOH HOH A . 
J 3 HOH 14 711 6  HOH HOH A . 
J 3 HOH 15 712 7  HOH HOH A . 
J 3 HOH 16 713 8  HOH HOH A . 
# 
loop_
_pdbx_unobs_or_zero_occ_atoms.id 
_pdbx_unobs_or_zero_occ_atoms.PDB_model_num 
_pdbx_unobs_or_zero_occ_atoms.polymer_flag 
_pdbx_unobs_or_zero_occ_atoms.occupancy_flag 
_pdbx_unobs_or_zero_occ_atoms.auth_asym_id 
_pdbx_unobs_or_zero_occ_atoms.auth_comp_id 
_pdbx_unobs_or_zero_occ_atoms.auth_seq_id 
_pdbx_unobs_or_zero_occ_atoms.PDB_ins_code 
_pdbx_unobs_or_zero_occ_atoms.auth_atom_id 
_pdbx_unobs_or_zero_occ_atoms.label_alt_id 
_pdbx_unobs_or_zero_occ_atoms.label_asym_id 
_pdbx_unobs_or_zero_occ_atoms.label_comp_id 
_pdbx_unobs_or_zero_occ_atoms.label_seq_id 
_pdbx_unobs_or_zero_occ_atoms.label_atom_id 
1  1 Y 1 A GLU 633 ? CD  ? A GLU 28  CD  
2  1 Y 1 A GLU 633 ? OE1 ? A GLU 28  OE1 
3  1 Y 1 A GLU 633 ? OE2 ? A GLU 28  OE2 
4  1 Y 1 A LYS 642 ? CG  ? A LYS 37  CG  
5  1 Y 1 A LYS 642 ? CD  ? A LYS 37  CD  
6  1 Y 1 A LYS 642 ? CE  ? A LYS 37  CE  
7  1 Y 1 A LYS 642 ? NZ  ? A LYS 37  NZ  
8  1 Y 1 A ASN 643 ? CG  ? A ASN 38  CG  
9  1 Y 1 A ASN 643 ? OD1 ? A ASN 38  OD1 
10 1 Y 1 A ASN 643 ? ND2 ? A ASN 38  ND2 
11 1 Y 1 A LYS 644 ? CG  ? A LYS 39  CG  
12 1 Y 1 A LYS 644 ? CD  ? A LYS 39  CD  
13 1 Y 1 A LYS 644 ? CE  ? A LYS 39  CE  
14 1 Y 1 A LYS 644 ? NZ  ? A LYS 39  NZ  
15 1 Y 1 A GLN 652 ? CD  ? A GLN 47  CD  
16 1 Y 1 A GLN 652 ? OE1 ? A GLN 47  OE1 
17 1 Y 1 A GLN 652 ? NE2 ? A GLN 47  NE2 
18 1 Y 1 A ARG 653 ? CD  ? A ARG 48  CD  
19 1 Y 1 A ARG 653 ? NE  ? A ARG 48  NE  
20 1 Y 1 A ARG 653 ? CZ  ? A ARG 48  CZ  
21 1 Y 1 A ARG 653 ? NH1 ? A ARG 48  NH1 
22 1 Y 1 A ARG 653 ? NH2 ? A ARG 48  NH2 
23 1 Y 1 A ARG 696 ? NE  ? A ARG 91  NE  
24 1 Y 1 A ARG 696 ? CZ  ? A ARG 91  CZ  
25 1 Y 1 A ARG 696 ? NH1 ? A ARG 91  NH1 
26 1 Y 1 A ARG 696 ? NH2 ? A ARG 91  NH2 
27 1 Y 1 A LYS 705 ? CD  ? A LYS 100 CD  
28 1 Y 1 A LYS 705 ? CE  ? A LYS 100 CE  
29 1 Y 1 A LYS 705 ? NZ  ? A LYS 100 NZ  
# 
loop_
_software.pdbx_ordinal 
_software.name 
_software.version 
_software.date 
_software.type 
_software.contact_author 
_software.contact_author_email 
_software.classification 
_software.location 
_software.language 
_software.citation_id 
1 DENZO           .        ?               package 'Zbyszek Otwinowski'    hkl@hkl-xray.com             'data reduction'  
http://www.hkl-xray.com/                     ?          ? 
2 SCALEPACK       .        ?               package 'Zbyszek Otwinowski'    hkl@hkl-xray.com             'data scaling'    
http://www.hkl-xray.com/                     ?          ? 
3 SHELX           .        ?               package 'George M. Sheldrick'   gsheldr@shelx.uni-ac.gwdg.de phasing           
http://shelx.uni-ac.gwdg.de/SHELX/           Fortran_77 ? 
4 RESOLVE         .        ?               program 'Thomas C. Terwilliger' terwilliger@lanl.gov         phasing           
http://www.solve.lanl.gov/                   ?          ? 
5 REFMAC          5.5.0109 ?               program 'Garib N. Murshudov'    garib@ysbl.york.ac.uk        refinement        
http://www.ccp4.ac.uk/dist/html/refmac5.html Fortran_77 ? 
6 PDB_EXTRACT     3.10     'June 10, 2010' package PDB                     deposit@deposit.rcsb.org     'data extraction' 
http://sw-tools.pdb.org/apps/PDB_EXTRACT/    C++        ? 
7 StructureStudio .        ?               ?       ?                       ?                            'data collection' ? ? ? 
8 HKL-2000        .        ?               ?       ?                       ?                            'data reduction'  ? ? ? 
9 HKL-2000        .        ?               ?       ?                       ?                            'data scaling'    ? ? ? 
# 
_cell.entry_id           3QIK 
_cell.length_a           78.135 
_cell.length_b           78.135 
_cell.length_c           54.691 
_cell.angle_alpha        90.000 
_cell.angle_beta         90.000 
_cell.angle_gamma        120.000 
_cell.pdbx_unique_axis   ? 
_cell.Z_PDB              6 
_cell.length_a_esd       ? 
_cell.length_b_esd       ? 
_cell.length_c_esd       ? 
_cell.angle_alpha_esd    ? 
_cell.angle_beta_esd     ? 
_cell.angle_gamma_esd    ? 
# 
_symmetry.entry_id                         3QIK 
_symmetry.space_group_name_H-M             'P 31 2 1' 
_symmetry.Int_Tables_number                152 
_symmetry.pdbx_full_space_group_name_H-M   ? 
_symmetry.cell_setting                     ? 
_symmetry.space_group_name_Hall            ? 
# 
_exptl.crystals_number   1 
_exptl.entry_id          3QIK 
_exptl.method            'X-RAY DIFFRACTION' 
# 
loop_
_exptl_crystal.id 
_exptl_crystal.density_percent_sol 
_exptl_crystal.density_Matthews 
_exptl_crystal.density_meas 
_exptl_crystal.description 
_exptl_crystal.F_000 
_exptl_crystal.preparation 
1 70.4 4.2 ? ? ? ? 
2 ?    ?   ? ? ? ? 
# 
loop_
_exptl_crystal_grow.crystal_id 
_exptl_crystal_grow.method 
_exptl_crystal_grow.pH 
_exptl_crystal_grow.temp 
_exptl_crystal_grow.pdbx_details 
_exptl_crystal_grow.temp_details 
_exptl_crystal_grow.pdbx_pH_range 
1 'VAPOR DIFFUSION, SITTING DROP' 6.2 293 
'1.2M lithium sulfate, 0.5M ammonium sulfate, 0.1M sodium citrate, pH 6.2, vapor diffusion, sitting drop, temperature 293K' ? ? 
2 'VAPOR DIFFUSION, SITTING DROP' 5.6 293 
;1.2M lithium sulfate, 0.5M ammonium sulfate, 0.1M sodium citrate. Soaked for 6 hours in 0.01 M potassium hexaiodoplatin-(IV)-ate and mother liquor, pH 5.6, vapor diffusion, sitting drop, temperature 293K
;
? ? 
# 
loop_
_diffrn.id 
_diffrn.ambient_temp 
_diffrn.ambient_temp_details 
_diffrn.crystal_id 
1 100 ? 1 
2 100 ? 1 
# 
loop_
_diffrn_detector.diffrn_id 
_diffrn_detector.detector 
_diffrn_detector.type 
_diffrn_detector.pdbx_collection_date 
_diffrn_detector.details 
1 'IMAGE PLATE' 'RIGAKU RAXIS'       2011-01-11 ? 
2 CCD           'RIGAKU SATURN A200' 2011-01-17 ? 
# 
loop_
_diffrn_radiation.diffrn_id 
_diffrn_radiation.pdbx_diffrn_protocol 
_diffrn_radiation.monochromator 
_diffrn_radiation.wavelength_id 
_diffrn_radiation.pdbx_monochromatic_or_laue_m_l 
_diffrn_radiation.pdbx_scattering_type 
1 'SINGLE WAVELENGTH' ? 1 M x-ray 
2 'SINGLE WAVELENGTH' ? 1 M x-ray 
# 
_diffrn_radiation_wavelength.id           1 
_diffrn_radiation_wavelength.wavelength   1.5418 
_diffrn_radiation_wavelength.wt           1.0 
# 
loop_
_diffrn_source.diffrn_id 
_diffrn_source.source 
_diffrn_source.type 
_diffrn_source.pdbx_wavelength_list 
_diffrn_source.pdbx_wavelength 
_diffrn_source.pdbx_synchrotron_site 
_diffrn_source.pdbx_synchrotron_beamline 
1 'ROTATING ANODE' 'RIGAKU FR-E SUPERBRIGHT' 1.5418 ? ? ? 
2 'ROTATING ANODE' 'RIGAKU FR-E SUPERBRIGHT' 1.5418 ? ? ? 
# 
_reflns.entry_id                     3QIK 
_reflns.d_resolution_high            2.270 
_reflns.d_resolution_low             25.000 
_reflns.number_obs                   8971 
_reflns.pdbx_Rmerge_I_obs            0.075 
_reflns.pdbx_netI_over_sigmaI        15.100 
_reflns.pdbx_chi_squared             1.919 
_reflns.pdbx_redundancy              10.400 
_reflns.percent_possible_obs         100.000 
_reflns.observed_criterion_sigma_F   ? 
_reflns.observed_criterion_sigma_I   ? 
_reflns.number_all                   ? 
_reflns.pdbx_Rsym_value              ? 
_reflns.B_iso_Wilson_estimate        ? 
_reflns.R_free_details               ? 
_reflns.limit_h_max                  ? 
_reflns.limit_h_min                  ? 
_reflns.limit_k_max                  ? 
_reflns.limit_k_min                  ? 
_reflns.limit_l_max                  ? 
_reflns.limit_l_min                  ? 
_reflns.observed_criterion_F_max     ? 
_reflns.observed_criterion_F_min     ? 
_reflns.pdbx_scaling_rejects         ? 
_reflns.pdbx_diffrn_id               1,2 
_reflns.pdbx_ordinal                 1 
# 
loop_
_reflns_shell.d_res_high 
_reflns_shell.d_res_low 
_reflns_shell.number_measured_obs 
_reflns_shell.number_measured_all 
_reflns_shell.number_unique_obs 
_reflns_shell.Rmerge_I_obs 
_reflns_shell.meanI_over_sigI_obs 
_reflns_shell.pdbx_Rsym_value 
_reflns_shell.pdbx_chi_squared 
_reflns_shell.pdbx_redundancy 
_reflns_shell.percent_possible_obs 
_reflns_shell.number_unique_all 
_reflns_shell.percent_possible_all 
_reflns_shell.pdbx_diffrn_id 
_reflns_shell.pdbx_ordinal 
2.270 2.350  ? ? ? 0.674 ? ? 0.965 10.400 ? 870 100.000 ? 1  
2.350 2.450  ? ? ? 0.568 ? ? 0.940 10.500 ? 870 100.000 ? 2  
2.450 2.560  ? ? ? 0.429 ? ? 1.020 10.500 ? 899 100.000 ? 3  
2.560 2.690  ? ? ? 0.300 ? ? 1.091 10.600 ? 889 100.000 ? 4  
2.690 2.860  ? ? ? 0.212 ? ? 1.309 10.600 ? 882 100.000 ? 5  
2.860 3.080  ? ? ? 0.149 ? ? 1.650 10.600 ? 891 100.000 ? 6  
3.080 3.390  ? ? ? 0.093 ? ? 2.462 10.600 ? 888 100.000 ? 7  
3.390 3.880  ? ? ? 0.071 ? ? 3.173 10.400 ? 899 100.000 ? 8  
3.880 4.880  ? ? ? 0.054 ? ? 3.446 10.300 ? 917 100.000 ? 9  
4.880 25.000 ? ? ? 0.040 ? ? 3.064 9.900  ? 966 100.000 ? 10 
# 
_refine.entry_id                                 3QIK 
_refine.ls_d_res_high                            2.2850 
_refine.ls_d_res_low                             20.0000 
_refine.pdbx_ls_sigma_F                          0.000 
_refine.pdbx_data_cutoff_high_absF               ? 
_refine.pdbx_data_cutoff_low_absF                ? 
_refine.ls_percent_reflns_obs                    98.9440 
_refine.ls_number_reflns_obs                     8903 
_refine.ls_number_reflns_all                     ? 
_refine.pdbx_ls_cross_valid_method               THROUGHOUT 
_refine.pdbx_R_Free_selection_details            RANDOM 
_refine.details                                  
;HYDROGENS HAVE BEEN ADDED IN THE RIDING POSITIONS U VALUES      : REFINED INDIVIDUALLY.  
Programs phaser, dm, arp/warp were also used during density improvement and model refinement.
;
_refine.ls_R_factor_all                          ? 
_refine.ls_R_factor_obs                          0.2440 
_refine.ls_R_factor_R_work                       0.2424 
_refine.ls_wR_factor_R_work                      0.2310 
_refine.ls_R_factor_R_free                       0.2691 
_refine.ls_wR_factor_R_free                      0.2640 
_refine.ls_percent_reflns_R_free                 4.7400 
_refine.ls_number_reflns_R_free                  422 
_refine.ls_R_factor_R_free_error                 ? 
_refine.B_iso_mean                               33.4650 
_refine.solvent_model_param_bsol                 ? 
_refine.solvent_model_param_ksol                 ? 
_refine.pdbx_isotropic_thermal_model             ? 
_refine.aniso_B[1][1]                            1.2790 
_refine.aniso_B[2][2]                            1.2790 
_refine.aniso_B[3][3]                            -1.9190 
_refine.aniso_B[1][2]                            0.6400 
_refine.aniso_B[1][3]                            0.0000 
_refine.aniso_B[2][3]                            0.0000 
_refine.correlation_coeff_Fo_to_Fc               0.9350 
_refine.correlation_coeff_Fo_to_Fc_free          0.9230 
_refine.overall_SU_R_Cruickshank_DPI             ? 
_refine.overall_SU_R_free                        ? 
_refine.pdbx_overall_ESU_R_Free                  0.1930 
_refine.overall_SU_ML                            0.1460 
_refine.overall_SU_B                             5.7960 
_refine.solvent_model_details                    'MASK BULK SOLVENT' 
_refine.pdbx_solvent_vdw_probe_radii             1.4000 
_refine.pdbx_solvent_ion_probe_radii             0.8000 
_refine.pdbx_solvent_shrinkage_radii             0.8000 
_refine.ls_number_parameters                     ? 
_refine.ls_number_restraints                     ? 
_refine.pdbx_starting_model                      ? 
_refine.pdbx_method_to_determine_struct          SAD 
_refine.pdbx_stereochemistry_target_values       'MAXIMUM LIKELIHOOD' 
_refine.pdbx_stereochem_target_val_spec_case     ? 
_refine.overall_FOM_work_R_set                   ? 
_refine.B_iso_max                                59.780 
_refine.B_iso_min                                26.080 
_refine.occupancy_max                            1.000 
_refine.occupancy_min                            0.500 
_refine.pdbx_ls_sigma_I                          ? 
_refine.ls_redundancy_reflns_obs                 ? 
_refine.ls_R_factor_R_free_error_details         ? 
_refine.pdbx_data_cutoff_high_rms_absF           ? 
_refine.overall_FOM_free_R_set                   ? 
_refine.pdbx_overall_phase_error                 ? 
_refine.pdbx_refine_id                           'X-RAY DIFFRACTION' 
_refine.pdbx_overall_ESU_R                       0.221 
_refine.pdbx_diffrn_id                           1 
_refine.pdbx_TLS_residual_ADP_flag               ? 
_refine.pdbx_overall_SU_R_free_Cruickshank_DPI   ? 
_refine.pdbx_overall_SU_R_Blow_DPI               ? 
_refine.pdbx_overall_SU_R_free_Blow_DPI          ? 
# 
_refine_hist.pdbx_refine_id                   'X-RAY DIFFRACTION' 
_refine_hist.cycle_id                         LAST 
_refine_hist.pdbx_number_atoms_protein        781 
_refine_hist.pdbx_number_atoms_nucleic_acid   0 
_refine_hist.pdbx_number_atoms_ligand         8 
_refine_hist.number_atoms_solvent             16 
_refine_hist.number_atoms_total               805 
_refine_hist.d_res_high                       2.2850 
_refine_hist.d_res_low                        20.0000 
# 
loop_
_refine_ls_restr.type 
_refine_ls_restr.number 
_refine_ls_restr.dev_ideal 
_refine_ls_restr.dev_ideal_target 
_refine_ls_restr.weight 
_refine_ls_restr.pdbx_refine_id 
_refine_ls_restr.pdbx_restraint_function 
r_bond_refined_d       801  0.013  0.022  ? 'X-RAY DIFFRACTION' ? 
r_bond_other_d         552  0.004  0.020  ? 'X-RAY DIFFRACTION' ? 
r_angle_refined_deg    1084 1.190  1.992  ? 'X-RAY DIFFRACTION' ? 
r_angle_other_deg      1355 0.810  3.000  ? 'X-RAY DIFFRACTION' ? 
r_dihedral_angle_1_deg 104  5.716  5.000  ? 'X-RAY DIFFRACTION' ? 
r_dihedral_angle_2_deg 35   37.247 24.571 ? 'X-RAY DIFFRACTION' ? 
r_dihedral_angle_3_deg 149  14.422 15.000 ? 'X-RAY DIFFRACTION' ? 
r_dihedral_angle_4_deg 6    11.913 15.000 ? 'X-RAY DIFFRACTION' ? 
r_chiral_restr         130  0.072  0.200  ? 'X-RAY DIFFRACTION' ? 
r_gen_planes_refined   886  0.004  0.020  ? 'X-RAY DIFFRACTION' ? 
r_gen_planes_other     156  0.001  0.020  ? 'X-RAY DIFFRACTION' ? 
r_mcbond_it            508  0.661  1.500  ? 'X-RAY DIFFRACTION' ? 
r_mcbond_other         205  0.099  1.500  ? 'X-RAY DIFFRACTION' ? 
r_mcangle_it           820  1.307  2.000  ? 'X-RAY DIFFRACTION' ? 
r_scbond_it            293  1.793  3.000  ? 'X-RAY DIFFRACTION' ? 
r_scangle_it           262  3.177  4.500  ? 'X-RAY DIFFRACTION' ? 
# 
loop_
_refine_ls_shell.pdbx_total_number_of_bins_used 
_refine_ls_shell.d_res_low 
_refine_ls_shell.d_res_high 
_refine_ls_shell.number_reflns_all 
_refine_ls_shell.percent_reflns_obs 
_refine_ls_shell.number_reflns_R_work 
_refine_ls_shell.R_factor_R_work 
_refine_ls_shell.number_reflns_R_free 
_refine_ls_shell.R_factor_R_free 
_refine_ls_shell.number_reflns_obs 
_refine_ls_shell.R_factor_R_free_error 
_refine_ls_shell.percent_reflns_R_free 
_refine_ls_shell.redundancy_reflns_obs 
_refine_ls_shell.R_factor_all 
_refine_ls_shell.pdbx_refine_id 
20 2.344  2.285 629 91.892  542 0.378 36 0.417 . . . . . 'X-RAY DIFFRACTION' 
20 2.407  2.344 636 99.686  598 0.334 36 0.441 . . . . . 'X-RAY DIFFRACTION' 
20 2.476  2.407 625 99.680  594 0.334 29 0.307 . . . . . 'X-RAY DIFFRACTION' 
20 2.551  2.476 584 99.658  550 0.331 32 0.297 . . . . . 'X-RAY DIFFRACTION' 
20 2.633  2.551 602 99.169  574 0.303 23 0.304 . . . . . 'X-RAY DIFFRACTION' 
20 2.724  2.633 559 99.463  541 0.303 15 0.237 . . . . . 'X-RAY DIFFRACTION' 
20 2.825  2.724 526 98.859  493 0.278 27 0.398 . . . . . 'X-RAY DIFFRACTION' 
20 2.937  2.825 535 99.065  505 0.264 25 0.220 . . . . . 'X-RAY DIFFRACTION' 
20 3.065  2.937 508 99.606  481 0.261 25 0.319 . . . . . 'X-RAY DIFFRACTION' 
20 3.211  3.065 479 98.956  456 0.281 18 0.274 . . . . . 'X-RAY DIFFRACTION' 
20 3.380  3.211 471 99.363  448 0.233 20 0.276 . . . . . 'X-RAY DIFFRACTION' 
20 3.578  3.380 423 100.000 400 0.231 23 0.261 . . . . . 'X-RAY DIFFRACTION' 
20 3.817  3.578 427 99.766  401 0.237 25 0.248 . . . . . 'X-RAY DIFFRACTION' 
20 4.110  3.817 386 99.741  375 0.212 10 0.380 . . . . . 'X-RAY DIFFRACTION' 
20 4.483  4.110 359 99.721  341 0.199 17 0.207 . . . . . 'X-RAY DIFFRACTION' 
20 4.981  4.483 339 99.410  323 0.187 14 0.145 . . . . . 'X-RAY DIFFRACTION' 
20 5.694  4.981 290 98.966  274 0.209 13 0.248 . . . . . 'X-RAY DIFFRACTION' 
20 6.836  5.694 264 99.621  247 0.251 16 0.356 . . . . . 'X-RAY DIFFRACTION' 
20 9.148  6.836 210 100.000 199 0.238 11 0.277 . . . . . 'X-RAY DIFFRACTION' 
20 20.000 9.148 146 100.000 139 0.203 7  0.188 . . . . . 'X-RAY DIFFRACTION' 
# 
_struct.entry_id                  3QIK 
_struct.title                     'Crystal structure of the first PDZ domain of PREX1' 
_struct.pdbx_model_details        ? 
_struct.pdbx_CASP_flag            ? 
_struct.pdbx_model_type_details   ? 
# 
_struct_keywords.entry_id        3QIK 
_struct_keywords.text            'pdz domain, structural genomics consortium, SGC, HYDROLASE REGULATOR' 
_struct_keywords.pdbx_keywords   'HYDROLASE REGULATOR' 
# 
loop_
_struct_asym.id 
_struct_asym.pdbx_blank_PDB_chainid_flag 
_struct_asym.pdbx_modified 
_struct_asym.entity_id 
_struct_asym.details 
A N N 1 ? 
B N N 2 ? 
C N N 2 ? 
D N N 2 ? 
E N N 2 ? 
F N N 2 ? 
G N N 2 ? 
H N N 2 ? 
I N N 2 ? 
J N N 3 ? 
# 
_struct_ref.id                         1 
_struct_ref.db_name                    UNP 
_struct_ref.db_code                    PREX1_HUMAN 
_struct_ref.pdbx_db_accession          Q8TCU6 
_struct_ref.entity_id                  1 
_struct_ref.pdbx_seq_one_letter_code   
;KNKQLRNDFKLVENILAKRLLILPQEEDYGFDIEEKNKAVVVKSVQRGSLAEVAGLQVGRKIYSINEDLVFLRPFSEVES
ILNQSFCSRRPLRLLVATKA
;
_struct_ref.pdbx_align_begin           607 
_struct_ref.pdbx_db_isoform            ? 
# 
_struct_ref_seq.align_id                      1 
_struct_ref_seq.ref_id                        1 
_struct_ref_seq.pdbx_PDB_id_code              3QIK 
_struct_ref_seq.pdbx_strand_id                A 
_struct_ref_seq.seq_align_beg                 2 
_struct_ref_seq.pdbx_seq_align_beg_ins_code   ? 
_struct_ref_seq.seq_align_end                 101 
_struct_ref_seq.pdbx_seq_align_end_ins_code   ? 
_struct_ref_seq.pdbx_db_accession             Q8TCU6 
_struct_ref_seq.db_align_beg                  607 
_struct_ref_seq.pdbx_db_align_beg_ins_code    ? 
_struct_ref_seq.db_align_end                  706 
_struct_ref_seq.pdbx_db_align_end_ins_code    ? 
_struct_ref_seq.pdbx_auth_seq_align_beg       607 
_struct_ref_seq.pdbx_auth_seq_align_end       706 
# 
_struct_ref_seq_dif.align_id                     1 
_struct_ref_seq_dif.pdbx_pdb_id_code             3QIK 
_struct_ref_seq_dif.mon_id                       GLY 
_struct_ref_seq_dif.pdbx_pdb_strand_id           A 
_struct_ref_seq_dif.seq_num                      1 
_struct_ref_seq_dif.pdbx_pdb_ins_code            ? 
_struct_ref_seq_dif.pdbx_seq_db_name             UNP 
_struct_ref_seq_dif.pdbx_seq_db_accession_code   Q8TCU6 
_struct_ref_seq_dif.db_mon_id                    ? 
_struct_ref_seq_dif.pdbx_seq_db_seq_num          ? 
_struct_ref_seq_dif.details                      'expression tag' 
_struct_ref_seq_dif.pdbx_auth_seq_num            606 
_struct_ref_seq_dif.pdbx_ordinal                 1 
# 
_pdbx_struct_assembly.id                   1 
_pdbx_struct_assembly.details              software_defined_assembly 
_pdbx_struct_assembly.method_details       PISA 
_pdbx_struct_assembly.oligomeric_details   dimeric 
_pdbx_struct_assembly.oligomeric_count     2 
# 
loop_
_pdbx_struct_assembly_prop.biol_id 
_pdbx_struct_assembly_prop.type 
_pdbx_struct_assembly_prop.value 
_pdbx_struct_assembly_prop.details 
1 'ABSA (A^2)' 2480  ? 
1 MORE         -14   ? 
1 'SSA (A^2)'  10790 ? 
# 
_pdbx_struct_assembly_gen.assembly_id       1 
_pdbx_struct_assembly_gen.oper_expression   1,2 
_pdbx_struct_assembly_gen.asym_id_list      A,B,C,D,E,F,G,H,I,J 
# 
loop_
_pdbx_struct_oper_list.id 
_pdbx_struct_oper_list.type 
_pdbx_struct_oper_list.name 
_pdbx_struct_oper_list.symmetry_operation 
_pdbx_struct_oper_list.matrix[1][1] 
_pdbx_struct_oper_list.matrix[1][2] 
_pdbx_struct_oper_list.matrix[1][3] 
_pdbx_struct_oper_list.vector[1] 
_pdbx_struct_oper_list.matrix[2][1] 
_pdbx_struct_oper_list.matrix[2][2] 
_pdbx_struct_oper_list.matrix[2][3] 
_pdbx_struct_oper_list.vector[2] 
_pdbx_struct_oper_list.matrix[3][1] 
_pdbx_struct_oper_list.matrix[3][2] 
_pdbx_struct_oper_list.matrix[3][3] 
_pdbx_struct_oper_list.vector[3] 
1 'identity operation'         1_555 x,y,z          1.0000000000 0.0000000000 0.0000000000 0.0000000000 0.0000000000 1.0000000000  0.0000000000 0.0000000000 0.0000000000 0.0000000000 1.0000000000  0.0000000000   
2 'crystal symmetry operation' 6_555 -x,-x+y,-z+1/3 0.4899291587 0.8407175365 0.2305719917 0.0596545313 0.8407175365 -0.5256110185 0.1301041165 7.0519089165 0.2305719917 0.1301041165 -0.9643181402 -26.0983325578 
# 
_struct_biol.id        1 
_struct_biol.details   ? 
# 
loop_
_struct_conf.conf_type_id 
_struct_conf.id 
_struct_conf.pdbx_PDB_helix_id 
_struct_conf.beg_label_comp_id 
_struct_conf.beg_label_asym_id 
_struct_conf.beg_label_seq_id 
_struct_conf.pdbx_beg_PDB_ins_code 
_struct_conf.end_label_comp_id 
_struct_conf.end_label_asym_id 
_struct_conf.end_label_seq_id 
_struct_conf.pdbx_end_PDB_ins_code 
_struct_conf.beg_auth_comp_id 
_struct_conf.beg_auth_asym_id 
_struct_conf.beg_auth_seq_id 
_struct_conf.end_auth_comp_id 
_struct_conf.end_auth_asym_id 
_struct_conf.end_auth_seq_id 
_struct_conf.pdbx_PDB_helix_class 
_struct_conf.details 
_struct_conf.pdbx_PDB_helix_length 
HELX_P HELX_P1 1 GLY A 1  ? ILE A 16 ? GLY A 606 ILE A 621 1 ? 16 
HELX_P HELX_P2 2 SER A 50 ? GLY A 56 ? SER A 655 GLY A 661 1 ? 7  
HELX_P HELX_P3 3 PRO A 75 ? SER A 89 ? PRO A 680 SER A 694 1 ? 15 
# 
_struct_conf_type.id          HELX_P 
_struct_conf_type.criteria    ? 
_struct_conf_type.reference   ? 
# 
loop_
_struct_sheet.id 
_struct_sheet.type 
_struct_sheet.number_strands 
_struct_sheet.details 
A ? 4 ? 
B ? 2 ? 
# 
loop_
_struct_sheet_order.sheet_id 
_struct_sheet_order.range_id_1 
_struct_sheet_order.range_id_2 
_struct_sheet_order.offset 
_struct_sheet_order.sense 
A 1 2 ? anti-parallel 
A 2 3 ? anti-parallel 
A 3 4 ? anti-parallel 
B 1 2 ? anti-parallel 
# 
loop_
_struct_sheet_range.sheet_id 
_struct_sheet_range.id 
_struct_sheet_range.beg_label_comp_id 
_struct_sheet_range.beg_label_asym_id 
_struct_sheet_range.beg_label_seq_id 
_struct_sheet_range.pdbx_beg_PDB_ins_code 
_struct_sheet_range.end_label_comp_id 
_struct_sheet_range.end_label_asym_id 
_struct_sheet_range.end_label_seq_id 
_struct_sheet_range.pdbx_end_PDB_ins_code 
_struct_sheet_range.beg_auth_comp_id 
_struct_sheet_range.beg_auth_asym_id 
_struct_sheet_range.beg_auth_seq_id 
_struct_sheet_range.end_auth_comp_id 
_struct_sheet_range.end_auth_asym_id 
_struct_sheet_range.end_auth_seq_id 
A 1 ALA A 18 ? ILE A 23 ? ALA A 623 ILE A 628 
A 2 LEU A 93 ? ALA A 98 ? LEU A 698 ALA A 703 
A 3 ILE A 63 ? ILE A 66 ? ILE A 668 ILE A 671 
A 4 ASP A 69 ? LEU A 70 ? ASP A 674 LEU A 675 
B 1 PHE A 32 ? LYS A 37 ? PHE A 637 LYS A 642 
B 2 ALA A 40 ? VAL A 46 ? ALA A 645 VAL A 651 
# 
loop_
_pdbx_struct_sheet_hbond.sheet_id 
_pdbx_struct_sheet_hbond.range_id_1 
_pdbx_struct_sheet_hbond.range_id_2 
_pdbx_struct_sheet_hbond.range_1_label_atom_id 
_pdbx_struct_sheet_hbond.range_1_label_comp_id 
_pdbx_struct_sheet_hbond.range_1_label_asym_id 
_pdbx_struct_sheet_hbond.range_1_label_seq_id 
_pdbx_struct_sheet_hbond.range_1_PDB_ins_code 
_pdbx_struct_sheet_hbond.range_1_auth_atom_id 
_pdbx_struct_sheet_hbond.range_1_auth_comp_id 
_pdbx_struct_sheet_hbond.range_1_auth_asym_id 
_pdbx_struct_sheet_hbond.range_1_auth_seq_id 
_pdbx_struct_sheet_hbond.range_2_label_atom_id 
_pdbx_struct_sheet_hbond.range_2_label_comp_id 
_pdbx_struct_sheet_hbond.range_2_label_asym_id 
_pdbx_struct_sheet_hbond.range_2_label_seq_id 
_pdbx_struct_sheet_hbond.range_2_PDB_ins_code 
_pdbx_struct_sheet_hbond.range_2_auth_atom_id 
_pdbx_struct_sheet_hbond.range_2_auth_comp_id 
_pdbx_struct_sheet_hbond.range_2_auth_asym_id 
_pdbx_struct_sheet_hbond.range_2_auth_seq_id 
A 1 2 N ILE A 23 ? N ILE A 628 O LEU A 93 ? O LEU A 698 
A 2 3 O LEU A 96 ? O LEU A 701 N TYR A 64 ? N TYR A 669 
A 3 4 N ILE A 66 ? N ILE A 671 O ASP A 69 ? O ASP A 674 
B 1 2 N GLU A 35 ? N GLU A 640 O VAL A 42 ? O VAL A 647 
# 
loop_
_pdbx_validate_torsion.id 
_pdbx_validate_torsion.PDB_model_num 
_pdbx_validate_torsion.auth_comp_id 
_pdbx_validate_torsion.auth_asym_id 
_pdbx_validate_torsion.auth_seq_id 
_pdbx_validate_torsion.PDB_ins_code 
_pdbx_validate_torsion.label_alt_id 
_pdbx_validate_torsion.phi 
_pdbx_validate_torsion.psi 
1 1 GLN A 631 ? ? -111.07 -145.08 
2 1 ASP A 634 ? ? -169.93 -163.09 
3 1 ASN A 643 ? ? 47.13   -124.77 
# 
_pdbx_SG_project.id                    1 
_pdbx_SG_project.project_name          ? 
_pdbx_SG_project.full_name_of_center   'Structural Genomics Consortium' 
_pdbx_SG_project.initial_of_center     SGC 
# 
_phasing.method   SAD 
# 
loop_
_chem_comp_atom.comp_id 
_chem_comp_atom.atom_id 
_chem_comp_atom.type_symbol 
_chem_comp_atom.pdbx_aromatic_flag 
_chem_comp_atom.pdbx_stereo_config 
_chem_comp_atom.pdbx_ordinal 
ALA N    N N N 1   
ALA CA   C N S 2   
ALA C    C N N 3   
ALA O    O N N 4   
ALA CB   C N N 5   
ALA OXT  O N N 6   
ALA H    H N N 7   
ALA H2   H N N 8   
ALA HA   H N N 9   
ALA HB1  H N N 10  
ALA HB2  H N N 11  
ALA HB3  H N N 12  
ALA HXT  H N N 13  
ARG N    N N N 14  
ARG CA   C N S 15  
ARG C    C N N 16  
ARG O    O N N 17  
ARG CB   C N N 18  
ARG CG   C N N 19  
ARG CD   C N N 20  
ARG NE   N N N 21  
ARG CZ   C N N 22  
ARG NH1  N N N 23  
ARG NH2  N N N 24  
ARG OXT  O N N 25  
ARG H    H N N 26  
ARG H2   H N N 27  
ARG HA   H N N 28  
ARG HB2  H N N 29  
ARG HB3  H N N 30  
ARG HG2  H N N 31  
ARG HG3  H N N 32  
ARG HD2  H N N 33  
ARG HD3  H N N 34  
ARG HE   H N N 35  
ARG HH11 H N N 36  
ARG HH12 H N N 37  
ARG HH21 H N N 38  
ARG HH22 H N N 39  
ARG HXT  H N N 40  
ASN N    N N N 41  
ASN CA   C N S 42  
ASN C    C N N 43  
ASN O    O N N 44  
ASN CB   C N N 45  
ASN CG   C N N 46  
ASN OD1  O N N 47  
ASN ND2  N N N 48  
ASN OXT  O N N 49  
ASN H    H N N 50  
ASN H2   H N N 51  
ASN HA   H N N 52  
ASN HB2  H N N 53  
ASN HB3  H N N 54  
ASN HD21 H N N 55  
ASN HD22 H N N 56  
ASN HXT  H N N 57  
ASP N    N N N 58  
ASP CA   C N S 59  
ASP C    C N N 60  
ASP O    O N N 61  
ASP CB   C N N 62  
ASP CG   C N N 63  
ASP OD1  O N N 64  
ASP OD2  O N N 65  
ASP OXT  O N N 66  
ASP H    H N N 67  
ASP H2   H N N 68  
ASP HA   H N N 69  
ASP HB2  H N N 70  
ASP HB3  H N N 71  
ASP HD2  H N N 72  
ASP HXT  H N N 73  
CYS N    N N N 74  
CYS CA   C N R 75  
CYS C    C N N 76  
CYS O    O N N 77  
CYS CB   C N N 78  
CYS SG   S N N 79  
CYS OXT  O N N 80  
CYS H    H N N 81  
CYS H2   H N N 82  
CYS HA   H N N 83  
CYS HB2  H N N 84  
CYS HB3  H N N 85  
CYS HG   H N N 86  
CYS HXT  H N N 87  
GLN N    N N N 88  
GLN CA   C N S 89  
GLN C    C N N 90  
GLN O    O N N 91  
GLN CB   C N N 92  
GLN CG   C N N 93  
GLN CD   C N N 94  
GLN OE1  O N N 95  
GLN NE2  N N N 96  
GLN OXT  O N N 97  
GLN H    H N N 98  
GLN H2   H N N 99  
GLN HA   H N N 100 
GLN HB2  H N N 101 
GLN HB3  H N N 102 
GLN HG2  H N N 103 
GLN HG3  H N N 104 
GLN HE21 H N N 105 
GLN HE22 H N N 106 
GLN HXT  H N N 107 
GLU N    N N N 108 
GLU CA   C N S 109 
GLU C    C N N 110 
GLU O    O N N 111 
GLU CB   C N N 112 
GLU CG   C N N 113 
GLU CD   C N N 114 
GLU OE1  O N N 115 
GLU OE2  O N N 116 
GLU OXT  O N N 117 
GLU H    H N N 118 
GLU H2   H N N 119 
GLU HA   H N N 120 
GLU HB2  H N N 121 
GLU HB3  H N N 122 
GLU HG2  H N N 123 
GLU HG3  H N N 124 
GLU HE2  H N N 125 
GLU HXT  H N N 126 
GLY N    N N N 127 
GLY CA   C N N 128 
GLY C    C N N 129 
GLY O    O N N 130 
GLY OXT  O N N 131 
GLY H    H N N 132 
GLY H2   H N N 133 
GLY HA2  H N N 134 
GLY HA3  H N N 135 
GLY HXT  H N N 136 
HOH O    O N N 137 
HOH H1   H N N 138 
HOH H2   H N N 139 
ILE N    N N N 140 
ILE CA   C N S 141 
ILE C    C N N 142 
ILE O    O N N 143 
ILE CB   C N S 144 
ILE CG1  C N N 145 
ILE CG2  C N N 146 
ILE CD1  C N N 147 
ILE OXT  O N N 148 
ILE H    H N N 149 
ILE H2   H N N 150 
ILE HA   H N N 151 
ILE HB   H N N 152 
ILE HG12 H N N 153 
ILE HG13 H N N 154 
ILE HG21 H N N 155 
ILE HG22 H N N 156 
ILE HG23 H N N 157 
ILE HD11 H N N 158 
ILE HD12 H N N 159 
ILE HD13 H N N 160 
ILE HXT  H N N 161 
LEU N    N N N 162 
LEU CA   C N S 163 
LEU C    C N N 164 
LEU O    O N N 165 
LEU CB   C N N 166 
LEU CG   C N N 167 
LEU CD1  C N N 168 
LEU CD2  C N N 169 
LEU OXT  O N N 170 
LEU H    H N N 171 
LEU H2   H N N 172 
LEU HA   H N N 173 
LEU HB2  H N N 174 
LEU HB3  H N N 175 
LEU HG   H N N 176 
LEU HD11 H N N 177 
LEU HD12 H N N 178 
LEU HD13 H N N 179 
LEU HD21 H N N 180 
LEU HD22 H N N 181 
LEU HD23 H N N 182 
LEU HXT  H N N 183 
LYS N    N N N 184 
LYS CA   C N S 185 
LYS C    C N N 186 
LYS O    O N N 187 
LYS CB   C N N 188 
LYS CG   C N N 189 
LYS CD   C N N 190 
LYS CE   C N N 191 
LYS NZ   N N N 192 
LYS OXT  O N N 193 
LYS H    H N N 194 
LYS H2   H N N 195 
LYS HA   H N N 196 
LYS HB2  H N N 197 
LYS HB3  H N N 198 
LYS HG2  H N N 199 
LYS HG3  H N N 200 
LYS HD2  H N N 201 
LYS HD3  H N N 202 
LYS HE2  H N N 203 
LYS HE3  H N N 204 
LYS HZ1  H N N 205 
LYS HZ2  H N N 206 
LYS HZ3  H N N 207 
LYS HXT  H N N 208 
PHE N    N N N 209 
PHE CA   C N S 210 
PHE C    C N N 211 
PHE O    O N N 212 
PHE CB   C N N 213 
PHE CG   C Y N 214 
PHE CD1  C Y N 215 
PHE CD2  C Y N 216 
PHE CE1  C Y N 217 
PHE CE2  C Y N 218 
PHE CZ   C Y N 219 
PHE OXT  O N N 220 
PHE H    H N N 221 
PHE H2   H N N 222 
PHE HA   H N N 223 
PHE HB2  H N N 224 
PHE HB3  H N N 225 
PHE HD1  H N N 226 
PHE HD2  H N N 227 
PHE HE1  H N N 228 
PHE HE2  H N N 229 
PHE HZ   H N N 230 
PHE HXT  H N N 231 
PRO N    N N N 232 
PRO CA   C N S 233 
PRO C    C N N 234 
PRO O    O N N 235 
PRO CB   C N N 236 
PRO CG   C N N 237 
PRO CD   C N N 238 
PRO OXT  O N N 239 
PRO H    H N N 240 
PRO HA   H N N 241 
PRO HB2  H N N 242 
PRO HB3  H N N 243 
PRO HG2  H N N 244 
PRO HG3  H N N 245 
PRO HD2  H N N 246 
PRO HD3  H N N 247 
PRO HXT  H N N 248 
SER N    N N N 249 
SER CA   C N S 250 
SER C    C N N 251 
SER O    O N N 252 
SER CB   C N N 253 
SER OG   O N N 254 
SER OXT  O N N 255 
SER H    H N N 256 
SER H2   H N N 257 
SER HA   H N N 258 
SER HB2  H N N 259 
SER HB3  H N N 260 
SER HG   H N N 261 
SER HXT  H N N 262 
THR N    N N N 263 
THR CA   C N S 264 
THR C    C N N 265 
THR O    O N N 266 
THR CB   C N R 267 
THR OG1  O N N 268 
THR CG2  C N N 269 
THR OXT  O N N 270 
THR H    H N N 271 
THR H2   H N N 272 
THR HA   H N N 273 
THR HB   H N N 274 
THR HG1  H N N 275 
THR HG21 H N N 276 
THR HG22 H N N 277 
THR HG23 H N N 278 
THR HXT  H N N 279 
TYR N    N N N 280 
TYR CA   C N S 281 
TYR C    C N N 282 
TYR O    O N N 283 
TYR CB   C N N 284 
TYR CG   C Y N 285 
TYR CD1  C Y N 286 
TYR CD2  C Y N 287 
TYR CE1  C Y N 288 
TYR CE2  C Y N 289 
TYR CZ   C Y N 290 
TYR OH   O N N 291 
TYR OXT  O N N 292 
TYR H    H N N 293 
TYR H2   H N N 294 
TYR HA   H N N 295 
TYR HB2  H N N 296 
TYR HB3  H N N 297 
TYR HD1  H N N 298 
TYR HD2  H N N 299 
TYR HE1  H N N 300 
TYR HE2  H N N 301 
TYR HH   H N N 302 
TYR HXT  H N N 303 
VAL N    N N N 304 
VAL CA   C N S 305 
VAL C    C N N 306 
VAL O    O N N 307 
VAL CB   C N N 308 
VAL CG1  C N N 309 
VAL CG2  C N N 310 
VAL OXT  O N N 311 
VAL H    H N N 312 
VAL H2   H N N 313 
VAL HA   H N N 314 
VAL HB   H N N 315 
VAL HG11 H N N 316 
VAL HG12 H N N 317 
VAL HG13 H N N 318 
VAL HG21 H N N 319 
VAL HG22 H N N 320 
VAL HG23 H N N 321 
VAL HXT  H N N 322 
# 
loop_
_chem_comp_bond.comp_id 
_chem_comp_bond.atom_id_1 
_chem_comp_bond.atom_id_2 
_chem_comp_bond.value_order 
_chem_comp_bond.pdbx_aromatic_flag 
_chem_comp_bond.pdbx_stereo_config 
_chem_comp_bond.pdbx_ordinal 
ALA N   CA   sing N N 1   
ALA N   H    sing N N 2   
ALA N   H2   sing N N 3   
ALA CA  C    sing N N 4   
ALA CA  CB   sing N N 5   
ALA CA  HA   sing N N 6   
ALA C   O    doub N N 7   
ALA C   OXT  sing N N 8   
ALA CB  HB1  sing N N 9   
ALA CB  HB2  sing N N 10  
ALA CB  HB3  sing N N 11  
ALA OXT HXT  sing N N 12  
ARG N   CA   sing N N 13  
ARG N   H    sing N N 14  
ARG N   H2   sing N N 15  
ARG CA  C    sing N N 16  
ARG CA  CB   sing N N 17  
ARG CA  HA   sing N N 18  
ARG C   O    doub N N 19  
ARG C   OXT  sing N N 20  
ARG CB  CG   sing N N 21  
ARG CB  HB2  sing N N 22  
ARG CB  HB3  sing N N 23  
ARG CG  CD   sing N N 24  
ARG CG  HG2  sing N N 25  
ARG CG  HG3  sing N N 26  
ARG CD  NE   sing N N 27  
ARG CD  HD2  sing N N 28  
ARG CD  HD3  sing N N 29  
ARG NE  CZ   sing N N 30  
ARG NE  HE   sing N N 31  
ARG CZ  NH1  sing N N 32  
ARG CZ  NH2  doub N N 33  
ARG NH1 HH11 sing N N 34  
ARG NH1 HH12 sing N N 35  
ARG NH2 HH21 sing N N 36  
ARG NH2 HH22 sing N N 37  
ARG OXT HXT  sing N N 38  
ASN N   CA   sing N N 39  
ASN N   H    sing N N 40  
ASN N   H2   sing N N 41  
ASN CA  C    sing N N 42  
ASN CA  CB   sing N N 43  
ASN CA  HA   sing N N 44  
ASN C   O    doub N N 45  
ASN C   OXT  sing N N 46  
ASN CB  CG   sing N N 47  
ASN CB  HB2  sing N N 48  
ASN CB  HB3  sing N N 49  
ASN CG  OD1  doub N N 50  
ASN CG  ND2  sing N N 51  
ASN ND2 HD21 sing N N 52  
ASN ND2 HD22 sing N N 53  
ASN OXT HXT  sing N N 54  
ASP N   CA   sing N N 55  
ASP N   H    sing N N 56  
ASP N   H2   sing N N 57  
ASP CA  C    sing N N 58  
ASP CA  CB   sing N N 59  
ASP CA  HA   sing N N 60  
ASP C   O    doub N N 61  
ASP C   OXT  sing N N 62  
ASP CB  CG   sing N N 63  
ASP CB  HB2  sing N N 64  
ASP CB  HB3  sing N N 65  
ASP CG  OD1  doub N N 66  
ASP CG  OD2  sing N N 67  
ASP OD2 HD2  sing N N 68  
ASP OXT HXT  sing N N 69  
CYS N   CA   sing N N 70  
CYS N   H    sing N N 71  
CYS N   H2   sing N N 72  
CYS CA  C    sing N N 73  
CYS CA  CB   sing N N 74  
CYS CA  HA   sing N N 75  
CYS C   O    doub N N 76  
CYS C   OXT  sing N N 77  
CYS CB  SG   sing N N 78  
CYS CB  HB2  sing N N 79  
CYS CB  HB3  sing N N 80  
CYS SG  HG   sing N N 81  
CYS OXT HXT  sing N N 82  
GLN N   CA   sing N N 83  
GLN N   H    sing N N 84  
GLN N   H2   sing N N 85  
GLN CA  C    sing N N 86  
GLN CA  CB   sing N N 87  
GLN CA  HA   sing N N 88  
GLN C   O    doub N N 89  
GLN C   OXT  sing N N 90  
GLN CB  CG   sing N N 91  
GLN CB  HB2  sing N N 92  
GLN CB  HB3  sing N N 93  
GLN CG  CD   sing N N 94  
GLN CG  HG2  sing N N 95  
GLN CG  HG3  sing N N 96  
GLN CD  OE1  doub N N 97  
GLN CD  NE2  sing N N 98  
GLN NE2 HE21 sing N N 99  
GLN NE2 HE22 sing N N 100 
GLN OXT HXT  sing N N 101 
GLU N   CA   sing N N 102 
GLU N   H    sing N N 103 
GLU N   H2   sing N N 104 
GLU CA  C    sing N N 105 
GLU CA  CB   sing N N 106 
GLU CA  HA   sing N N 107 
GLU C   O    doub N N 108 
GLU C   OXT  sing N N 109 
GLU CB  CG   sing N N 110 
GLU CB  HB2  sing N N 111 
GLU CB  HB3  sing N N 112 
GLU CG  CD   sing N N 113 
GLU CG  HG2  sing N N 114 
GLU CG  HG3  sing N N 115 
GLU CD  OE1  doub N N 116 
GLU CD  OE2  sing N N 117 
GLU OE2 HE2  sing N N 118 
GLU OXT HXT  sing N N 119 
GLY N   CA   sing N N 120 
GLY N   H    sing N N 121 
GLY N   H2   sing N N 122 
GLY CA  C    sing N N 123 
GLY CA  HA2  sing N N 124 
GLY CA  HA3  sing N N 125 
GLY C   O    doub N N 126 
GLY C   OXT  sing N N 127 
GLY OXT HXT  sing N N 128 
HOH O   H1   sing N N 129 
HOH O   H2   sing N N 130 
ILE N   CA   sing N N 131 
ILE N   H    sing N N 132 
ILE N   H2   sing N N 133 
ILE CA  C    sing N N 134 
ILE CA  CB   sing N N 135 
ILE CA  HA   sing N N 136 
ILE C   O    doub N N 137 
ILE C   OXT  sing N N 138 
ILE CB  CG1  sing N N 139 
ILE CB  CG2  sing N N 140 
ILE CB  HB   sing N N 141 
ILE CG1 CD1  sing N N 142 
ILE CG1 HG12 sing N N 143 
ILE CG1 HG13 sing N N 144 
ILE CG2 HG21 sing N N 145 
ILE CG2 HG22 sing N N 146 
ILE CG2 HG23 sing N N 147 
ILE CD1 HD11 sing N N 148 
ILE CD1 HD12 sing N N 149 
ILE CD1 HD13 sing N N 150 
ILE OXT HXT  sing N N 151 
LEU N   CA   sing N N 152 
LEU N   H    sing N N 153 
LEU N   H2   sing N N 154 
LEU CA  C    sing N N 155 
LEU CA  CB   sing N N 156 
LEU CA  HA   sing N N 157 
LEU C   O    doub N N 158 
LEU C   OXT  sing N N 159 
LEU CB  CG   sing N N 160 
LEU CB  HB2  sing N N 161 
LEU CB  HB3  sing N N 162 
LEU CG  CD1  sing N N 163 
LEU CG  CD2  sing N N 164 
LEU CG  HG   sing N N 165 
LEU CD1 HD11 sing N N 166 
LEU CD1 HD12 sing N N 167 
LEU CD1 HD13 sing N N 168 
LEU CD2 HD21 sing N N 169 
LEU CD2 HD22 sing N N 170 
LEU CD2 HD23 sing N N 171 
LEU OXT HXT  sing N N 172 
LYS N   CA   sing N N 173 
LYS N   H    sing N N 174 
LYS N   H2   sing N N 175 
LYS CA  C    sing N N 176 
LYS CA  CB   sing N N 177 
LYS CA  HA   sing N N 178 
LYS C   O    doub N N 179 
LYS C   OXT  sing N N 180 
LYS CB  CG   sing N N 181 
LYS CB  HB2  sing N N 182 
LYS CB  HB3  sing N N 183 
LYS CG  CD   sing N N 184 
LYS CG  HG2  sing N N 185 
LYS CG  HG3  sing N N 186 
LYS CD  CE   sing N N 187 
LYS CD  HD2  sing N N 188 
LYS CD  HD3  sing N N 189 
LYS CE  NZ   sing N N 190 
LYS CE  HE2  sing N N 191 
LYS CE  HE3  sing N N 192 
LYS NZ  HZ1  sing N N 193 
LYS NZ  HZ2  sing N N 194 
LYS NZ  HZ3  sing N N 195 
LYS OXT HXT  sing N N 196 
PHE N   CA   sing N N 197 
PHE N   H    sing N N 198 
PHE N   H2   sing N N 199 
PHE CA  C    sing N N 200 
PHE CA  CB   sing N N 201 
PHE CA  HA   sing N N 202 
PHE C   O    doub N N 203 
PHE C   OXT  sing N N 204 
PHE CB  CG   sing N N 205 
PHE CB  HB2  sing N N 206 
PHE CB  HB3  sing N N 207 
PHE CG  CD1  doub Y N 208 
PHE CG  CD2  sing Y N 209 
PHE CD1 CE1  sing Y N 210 
PHE CD1 HD1  sing N N 211 
PHE CD2 CE2  doub Y N 212 
PHE CD2 HD2  sing N N 213 
PHE CE1 CZ   doub Y N 214 
PHE CE1 HE1  sing N N 215 
PHE CE2 CZ   sing Y N 216 
PHE CE2 HE2  sing N N 217 
PHE CZ  HZ   sing N N 218 
PHE OXT HXT  sing N N 219 
PRO N   CA   sing N N 220 
PRO N   CD   sing N N 221 
PRO N   H    sing N N 222 
PRO CA  C    sing N N 223 
PRO CA  CB   sing N N 224 
PRO CA  HA   sing N N 225 
PRO C   O    doub N N 226 
PRO C   OXT  sing N N 227 
PRO CB  CG   sing N N 228 
PRO CB  HB2  sing N N 229 
PRO CB  HB3  sing N N 230 
PRO CG  CD   sing N N 231 
PRO CG  HG2  sing N N 232 
PRO CG  HG3  sing N N 233 
PRO CD  HD2  sing N N 234 
PRO CD  HD3  sing N N 235 
PRO OXT HXT  sing N N 236 
SER N   CA   sing N N 237 
SER N   H    sing N N 238 
SER N   H2   sing N N 239 
SER CA  C    sing N N 240 
SER CA  CB   sing N N 241 
SER CA  HA   sing N N 242 
SER C   O    doub N N 243 
SER C   OXT  sing N N 244 
SER CB  OG   sing N N 245 
SER CB  HB2  sing N N 246 
SER CB  HB3  sing N N 247 
SER OG  HG   sing N N 248 
SER OXT HXT  sing N N 249 
THR N   CA   sing N N 250 
THR N   H    sing N N 251 
THR N   H2   sing N N 252 
THR CA  C    sing N N 253 
THR CA  CB   sing N N 254 
THR CA  HA   sing N N 255 
THR C   O    doub N N 256 
THR C   OXT  sing N N 257 
THR CB  OG1  sing N N 258 
THR CB  CG2  sing N N 259 
THR CB  HB   sing N N 260 
THR OG1 HG1  sing N N 261 
THR CG2 HG21 sing N N 262 
THR CG2 HG22 sing N N 263 
THR CG2 HG23 sing N N 264 
THR OXT HXT  sing N N 265 
TYR N   CA   sing N N 266 
TYR N   H    sing N N 267 
TYR N   H2   sing N N 268 
TYR CA  C    sing N N 269 
TYR CA  CB   sing N N 270 
TYR CA  HA   sing N N 271 
TYR C   O    doub N N 272 
TYR C   OXT  sing N N 273 
TYR CB  CG   sing N N 274 
TYR CB  HB2  sing N N 275 
TYR CB  HB3  sing N N 276 
TYR CG  CD1  doub Y N 277 
TYR CG  CD2  sing Y N 278 
TYR CD1 CE1  sing Y N 279 
TYR CD1 HD1  sing N N 280 
TYR CD2 CE2  doub Y N 281 
TYR CD2 HD2  sing N N 282 
TYR CE1 CZ   doub Y N 283 
TYR CE1 HE1  sing N N 284 
TYR CE2 CZ   sing Y N 285 
TYR CE2 HE2  sing N N 286 
TYR CZ  OH   sing N N 287 
TYR OH  HH   sing N N 288 
TYR OXT HXT  sing N N 289 
VAL N   CA   sing N N 290 
VAL N   H    sing N N 291 
VAL N   H2   sing N N 292 
VAL CA  C    sing N N 293 
VAL CA  CB   sing N N 294 
VAL CA  HA   sing N N 295 
VAL C   O    doub N N 296 
VAL C   OXT  sing N N 297 
VAL CB  CG1  sing N N 298 
VAL CB  CG2  sing N N 299 
VAL CB  HB   sing N N 300 
VAL CG1 HG11 sing N N 301 
VAL CG1 HG12 sing N N 302 
VAL CG1 HG13 sing N N 303 
VAL CG2 HG21 sing N N 304 
VAL CG2 HG22 sing N N 305 
VAL CG2 HG23 sing N N 306 
VAL OXT HXT  sing N N 307 
# 
_atom_sites.entry_id                    3QIK 
_atom_sites.fract_transf_matrix[1][1]   0.00372632 
_atom_sites.fract_transf_matrix[1][2]   -0.00952847 
_atom_sites.fract_transf_matrix[1][3]   0.01066343 
_atom_sites.fract_transf_matrix[2][1]   -0.00918303 
_atom_sites.fract_transf_matrix[2][2]   -0.01099728 
_atom_sites.fract_transf_matrix[2][3]   0.00362231 
_atom_sites.fract_transf_matrix[3][1]   0.00800063 
_atom_sites.fract_transf_matrix[3][2]   -0.01077215 
_atom_sites.fract_transf_matrix[3][3]   -0.01242143 
_atom_sites.fract_transf_vector[1]      0.172637 
_atom_sites.fract_transf_vector[2]      0.504683 
_atom_sites.fract_transf_vector[3]      0.042325 
# 
loop_
_atom_type.symbol 
C 
N 
O 
S 
X 
# 
loop_
_atom_site.group_PDB 
_atom_site.id 
_atom_site.type_symbol 
_atom_site.label_atom_id 
_atom_site.label_alt_id 
_atom_site.label_comp_id 
_atom_site.label_asym_id 
_atom_site.label_entity_id 
_atom_site.label_seq_id 
_atom_site.pdbx_PDB_ins_code 
_atom_site.Cartn_x 
_atom_site.Cartn_y 
_atom_site.Cartn_z 
_atom_site.occupancy 
_atom_site.B_iso_or_equiv 
_atom_site.pdbx_formal_charge 
_atom_site.auth_seq_id 
_atom_site.auth_comp_id 
_atom_site.auth_asym_id 
_atom_site.auth_atom_id 
_atom_site.pdbx_PDB_model_num 
ATOM   1   N N   . GLY A 1 1   ? -13.930 0.453   -26.257 1.00 49.19 ? 606 GLY A N   1 
ATOM   2   C CA  . GLY A 1 1   ? -14.859 1.199   -25.360 1.00 49.58 ? 606 GLY A CA  1 
ATOM   3   C C   . GLY A 1 1   ? -14.557 0.974   -23.886 1.00 49.92 ? 606 GLY A C   1 
ATOM   4   O O   . GLY A 1 1   ? -13.451 0.567   -23.516 1.00 49.69 ? 606 GLY A O   1 
ATOM   5   N N   . LYS A 1 2   ? -15.551 1.227   -23.043 1.00 50.32 ? 607 LYS A N   1 
ATOM   6   C CA  . LYS A 1 2   ? -15.371 1.157   -21.594 1.00 50.73 ? 607 LYS A CA  1 
ATOM   7   C C   . LYS A 1 2   ? -14.937 -0.221  -21.133 1.00 50.43 ? 607 LYS A C   1 
ATOM   8   O O   . LYS A 1 2   ? -14.126 -0.340  -20.216 1.00 50.29 ? 607 LYS A O   1 
ATOM   9   C CB  . LYS A 1 2   ? -16.660 1.551   -20.856 1.00 51.09 ? 607 LYS A CB  1 
ATOM   10  C CG  . LYS A 1 2   ? -16.423 2.277   -19.515 1.00 52.48 ? 607 LYS A CG  1 
ATOM   11  C CD  . LYS A 1 2   ? -16.566 1.407   -18.270 1.00 53.18 ? 607 LYS A CD  1 
ATOM   12  C CE  . LYS A 1 2   ? -16.804 2.322   -17.039 1.00 54.32 ? 607 LYS A CE  1 
ATOM   13  N NZ  . LYS A 1 2   ? -16.722 1.651   -15.709 1.00 53.12 ? 607 LYS A NZ  1 
ATOM   14  N N   . ASN A 1 3   ? -15.479 -1.254  -21.761 1.00 50.22 ? 608 ASN A N   1 
ATOM   15  C CA  . ASN A 1 3   ? -15.173 -2.628  -21.352 1.00 50.31 ? 608 ASN A CA  1 
ATOM   16  C C   . ASN A 1 3   ? -13.736 -3.028  -21.634 1.00 49.22 ? 608 ASN A C   1 
ATOM   17  O O   . ASN A 1 3   ? -13.086 -3.638  -20.789 1.00 48.88 ? 608 ASN A O   1 
ATOM   18  C CB  . ASN A 1 3   ? -16.152 -3.617  -21.988 1.00 50.81 ? 608 ASN A CB  1 
ATOM   19  C CG  . ASN A 1 3   ? -17.504 -3.625  -21.274 1.00 53.55 ? 608 ASN A CG  1 
ATOM   20  O OD1 . ASN A 1 3   ? -17.612 -3.191  -20.114 1.00 56.86 ? 608 ASN A OD1 1 
ATOM   21  N ND2 . ASN A 1 3   ? -18.542 -4.118  -21.958 1.00 56.07 ? 608 ASN A ND2 1 
ATOM   22  N N   . LYS A 1 4   ? -13.248 -2.683  -22.820 1.00 48.09 ? 609 LYS A N   1 
ATOM   23  C CA  . LYS A 1 4   ? -11.842 -2.874  -23.160 1.00 47.26 ? 609 LYS A CA  1 
ATOM   24  C C   . LYS A 1 4   ? -10.945 -2.069  -22.220 1.00 45.94 ? 609 LYS A C   1 
ATOM   25  O O   . LYS A 1 4   ? -9.902  -2.546  -21.808 1.00 45.94 ? 609 LYS A O   1 
ATOM   26  C CB  . LYS A 1 4   ? -11.585 -2.451  -24.619 1.00 47.63 ? 609 LYS A CB  1 
ATOM   27  C CG  . LYS A 1 4   ? -10.173 -2.743  -25.147 1.00 48.50 ? 609 LYS A CG  1 
ATOM   28  C CD  . LYS A 1 4   ? -9.995  -4.208  -25.510 1.00 50.28 ? 609 LYS A CD  1 
ATOM   29  C CE  . LYS A 1 4   ? -8.622  -4.485  -26.164 1.00 51.29 ? 609 LYS A CE  1 
ATOM   30  N NZ  . LYS A 1 4   ? -8.460  -3.825  -27.503 1.00 52.76 ? 609 LYS A NZ  1 
ATOM   31  N N   . GLN A 1 5   ? -11.352 -0.845  -21.892 1.00 44.74 ? 610 GLN A N   1 
ATOM   32  C CA  . GLN A 1 5   ? -10.570 0.007   -20.988 1.00 43.69 ? 610 GLN A CA  1 
ATOM   33  C C   . GLN A 1 5   ? -10.454 -0.612  -19.608 1.00 43.33 ? 610 GLN A C   1 
ATOM   34  O O   . GLN A 1 5   ? -9.394  -0.558  -18.979 1.00 43.72 ? 610 GLN A O   1 
ATOM   35  C CB  . GLN A 1 5   ? -11.178 1.404   -20.888 1.00 43.61 ? 610 GLN A CB  1 
ATOM   36  C CG  . GLN A 1 5   ? -10.926 2.277   -22.121 1.00 41.91 ? 610 GLN A CG  1 
ATOM   37  C CD  . GLN A 1 5   ? -11.663 3.613   -22.062 1.00 40.57 ? 610 GLN A CD  1 
ATOM   38  O OE1 . GLN A 1 5   ? -12.260 3.964   -21.053 1.00 40.53 ? 610 GLN A OE1 1 
ATOM   39  N NE2 . GLN A 1 5   ? -11.627 4.357   -23.154 1.00 40.63 ? 610 GLN A NE2 1 
ATOM   40  N N   . LEU A 1 6   ? -11.538 -1.206  -19.138 1.00 42.95 ? 611 LEU A N   1 
ATOM   41  C CA  . LEU A 1 6   ? -11.527 -1.917  -17.872 1.00 42.97 ? 611 LEU A CA  1 
ATOM   42  C C   . LEU A 1 6   ? -10.504 -3.050  -17.908 1.00 42.78 ? 611 LEU A C   1 
ATOM   43  O O   . LEU A 1 6   ? -9.670  -3.171  -17.004 1.00 42.50 ? 611 LEU A O   1 
ATOM   44  C CB  . LEU A 1 6   ? -12.926 -2.466  -17.544 1.00 43.32 ? 611 LEU A CB  1 
ATOM   45  C CG  . LEU A 1 6   ? -13.889 -1.541  -16.782 1.00 43.80 ? 611 LEU A CG  1 
ATOM   46  C CD1 . LEU A 1 6   ? -15.353 -2.011  -16.974 1.00 44.71 ? 611 LEU A CD1 1 
ATOM   47  C CD2 . LEU A 1 6   ? -13.531 -1.493  -15.277 1.00 42.42 ? 611 LEU A CD2 1 
ATOM   48  N N   . ARG A 1 7   ? -10.547 -3.858  -18.968 1.00 42.22 ? 612 ARG A N   1 
ATOM   49  C CA  . ARG A 1 7   ? -9.620  -4.983  -19.110 1.00 42.07 ? 612 ARG A CA  1 
ATOM   50  C C   . ARG A 1 7   ? -8.181  -4.521  -19.240 1.00 40.72 ? 612 ARG A C   1 
ATOM   51  O O   . ARG A 1 7   ? -7.300  -5.076  -18.610 1.00 40.50 ? 612 ARG A O   1 
ATOM   52  C CB  . ARG A 1 7   ? -10.003 -5.859  -20.313 1.00 43.00 ? 612 ARG A CB  1 
ATOM   53  C CG  . ARG A 1 7   ? -11.495 -6.369  -20.270 1.00 46.24 ? 612 ARG A CG  1 
ATOM   54  C CD  . ARG A 1 7   ? -11.703 -7.685  -21.025 1.00 49.52 ? 612 ARG A CD  1 
ATOM   55  N NE  . ARG A 1 7   ? -11.141 -7.661  -22.385 1.00 52.67 ? 612 ARG A NE  1 
ATOM   56  C CZ  . ARG A 1 7   ? -11.718 -7.101  -23.456 1.00 55.20 ? 612 ARG A CZ  1 
ATOM   57  N NH1 . ARG A 1 7   ? -12.892 -6.478  -23.355 1.00 54.91 ? 612 ARG A NH1 1 
ATOM   58  N NH2 . ARG A 1 7   ? -11.110 -7.165  -24.647 1.00 56.69 ? 612 ARG A NH2 1 
ATOM   59  N N   . ASN A 1 8   ? -7.952  -3.503  -20.067 1.00 39.83 ? 613 ASN A N   1 
ATOM   60  C CA  . ASN A 1 8   ? -6.624  -2.920  -20.238 1.00 39.05 ? 613 ASN A CA  1 
ATOM   61  C C   . ASN A 1 8   ? -6.070  -2.316  -18.954 1.00 38.32 ? 613 ASN A C   1 
ATOM   62  O O   . ASN A 1 8   ? -4.921  -2.531  -18.635 1.00 38.03 ? 613 ASN A O   1 
ATOM   63  C CB  . ASN A 1 8   ? -6.632  -1.825  -21.322 1.00 38.79 ? 613 ASN A CB  1 
ATOM   64  C CG  . ASN A 1 8   ? -6.652  -2.379  -22.720 1.00 38.80 ? 613 ASN A CG  1 
ATOM   65  O OD1 . ASN A 1 8   ? -6.506  -3.588  -22.940 1.00 39.06 ? 613 ASN A OD1 1 
ATOM   66  N ND2 . ASN A 1 8   ? -6.823  -1.488  -23.696 1.00 36.21 ? 613 ASN A ND2 1 
ATOM   67  N N   . ASP A 1 9   ? -6.877  -1.535  -18.243 1.00 38.32 ? 614 ASP A N   1 
ATOM   68  C CA  . ASP A 1 9   ? -6.416  -0.881  -17.004 1.00 38.51 ? 614 ASP A CA  1 
ATOM   69  C C   . ASP A 1 9   ? -6.030  -1.914  -15.926 1.00 38.36 ? 614 ASP A C   1 
ATOM   70  O O   . ASP A 1 9   ? -5.063  -1.709  -15.182 1.00 38.58 ? 614 ASP A O   1 
ATOM   71  C CB  . ASP A 1 9   ? -7.479  0.074   -16.448 1.00 38.56 ? 614 ASP A CB  1 
ATOM   72  C CG  . ASP A 1 9   ? -7.656  1.316   -17.289 1.00 39.49 ? 614 ASP A CG  1 
ATOM   73  O OD1 . ASP A 1 9   ? -6.949  1.468   -18.301 1.00 41.68 ? 614 ASP A OD1 1 
ATOM   74  O OD2 . ASP A 1 9   ? -8.523  2.149   -16.946 1.00 41.40 ? 614 ASP A OD2 1 
ATOM   75  N N   . PHE A 1 10  ? -6.773  -3.014  -15.853 1.00 38.08 ? 615 PHE A N   1 
ATOM   76  C CA  . PHE A 1 10  ? -6.424  -4.119  -14.951 1.00 38.28 ? 615 PHE A CA  1 
ATOM   77  C C   . PHE A 1 10  ? -5.061  -4.679  -15.348 1.00 38.14 ? 615 PHE A C   1 
ATOM   78  O O   . PHE A 1 10  ? -4.120  -4.706  -14.530 1.00 37.71 ? 615 PHE A O   1 
ATOM   79  C CB  . PHE A 1 10  ? -7.501  -5.208  -14.983 1.00 38.32 ? 615 PHE A CB  1 
ATOM   80  C CG  . PHE A 1 10  ? -7.278  -6.324  -13.982 1.00 39.63 ? 615 PHE A CG  1 
ATOM   81  C CD1 . PHE A 1 10  ? -7.672  -6.178  -12.661 1.00 39.33 ? 615 PHE A CD1 1 
ATOM   82  C CD2 . PHE A 1 10  ? -6.688  -7.523  -14.371 1.00 40.99 ? 615 PHE A CD2 1 
ATOM   83  C CE1 . PHE A 1 10  ? -7.476  -7.181  -11.744 1.00 39.86 ? 615 PHE A CE1 1 
ATOM   84  C CE2 . PHE A 1 10  ? -6.465  -8.539  -13.444 1.00 41.85 ? 615 PHE A CE2 1 
ATOM   85  C CZ  . PHE A 1 10  ? -6.871  -8.367  -12.125 1.00 40.97 ? 615 PHE A CZ  1 
ATOM   86  N N   . LYS A 1 11  ? -4.930  -5.087  -16.612 1.00 37.49 ? 616 LYS A N   1 
ATOM   87  C CA  . LYS A 1 11  ? -3.653  -5.619  -17.086 1.00 37.68 ? 616 LYS A CA  1 
ATOM   88  C C   . LYS A 1 11  ? -2.507  -4.661  -16.786 1.00 36.45 ? 616 LYS A C   1 
ATOM   89  O O   . LYS A 1 11  ? -1.456  -5.074  -16.330 1.00 36.39 ? 616 LYS A O   1 
ATOM   90  C CB  . LYS A 1 11  ? -3.702  -5.941  -18.586 1.00 38.17 ? 616 LYS A CB  1 
ATOM   91  C CG  . LYS A 1 11  ? -4.581  -7.179  -18.905 1.00 41.70 ? 616 LYS A CG  1 
ATOM   92  C CD  . LYS A 1 11  ? -4.677  -7.481  -20.427 1.00 45.69 ? 616 LYS A CD  1 
ATOM   93  C CE  . LYS A 1 11  ? -5.485  -8.767  -20.721 1.00 48.21 ? 616 LYS A CE  1 
ATOM   94  N NZ  . LYS A 1 11  ? -6.950  -8.536  -21.071 1.00 50.57 ? 616 LYS A NZ  1 
ATOM   95  N N   . LEU A 1 12  ? -2.712  -3.376  -17.047 1.00 35.36 ? 617 LEU A N   1 
ATOM   96  C CA  . LEU A 1 12  ? -1.661  -2.382  -16.874 1.00 34.19 ? 617 LEU A CA  1 
ATOM   97  C C   . LEU A 1 12  ? -1.265  -2.280  -15.417 1.00 33.80 ? 617 LEU A C   1 
ATOM   98  O O   . LEU A 1 12  ? -0.084  -2.357  -15.084 1.00 34.09 ? 617 LEU A O   1 
ATOM   99  C CB  . LEU A 1 12  ? -2.134  -1.023  -17.409 1.00 34.27 ? 617 LEU A CB  1 
ATOM   100 C CG  . LEU A 1 12  ? -1.176  0.185   -17.445 1.00 33.29 ? 617 LEU A CG  1 
ATOM   101 C CD1 . LEU A 1 12  ? 0.107   -0.104  -18.201 1.00 32.36 ? 617 LEU A CD1 1 
ATOM   102 C CD2 . LEU A 1 12  ? -1.928  1.420   -18.037 1.00 30.67 ? 617 LEU A CD2 1 
ATOM   103 N N   . VAL A 1 13  ? -2.245  -2.121  -14.535 1.00 33.34 ? 618 VAL A N   1 
ATOM   104 C CA  . VAL A 1 13  ? -1.951  -1.961  -13.108 1.00 32.89 ? 618 VAL A CA  1 
ATOM   105 C C   . VAL A 1 13  ? -1.337  -3.203  -12.518 1.00 33.52 ? 618 VAL A C   1 
ATOM   106 O O   . VAL A 1 13  ? -0.279  -3.140  -11.885 1.00 34.19 ? 618 VAL A O   1 
ATOM   107 C CB  . VAL A 1 13  ? -3.197  -1.581  -12.297 1.00 32.60 ? 618 VAL A CB  1 
ATOM   108 C CG1 . VAL A 1 13  ? -2.888  -1.635  -10.829 1.00 31.47 ? 618 VAL A CG1 1 
ATOM   109 C CG2 . VAL A 1 13  ? -3.697  -0.184  -12.717 1.00 30.03 ? 618 VAL A CG2 1 
ATOM   110 N N   . GLU A 1 14  ? -1.982  -4.336  -12.732 1.00 34.21 ? 619 GLU A N   1 
ATOM   111 C CA  . GLU A 1 14  ? -1.551  -5.563  -12.067 1.00 35.26 ? 619 GLU A CA  1 
ATOM   112 C C   . GLU A 1 14  ? -0.205  -6.057  -12.561 1.00 35.71 ? 619 GLU A C   1 
ATOM   113 O O   . GLU A 1 14  ? 0.514   -6.712  -11.822 1.00 35.70 ? 619 GLU A O   1 
ATOM   114 C CB  . GLU A 1 14  ? -2.574  -6.665  -12.253 1.00 35.09 ? 619 GLU A CB  1 
ATOM   115 C CG  . GLU A 1 14  ? -3.947  -6.315  -11.734 1.00 35.95 ? 619 GLU A CG  1 
ATOM   116 C CD  . GLU A 1 14  ? -3.962  -5.966  -10.270 1.00 37.05 ? 619 GLU A CD  1 
ATOM   117 O OE1 . GLU A 1 14  ? -3.170  -6.546  -9.490  1.00 37.35 ? 619 GLU A OE1 1 
ATOM   118 O OE2 . GLU A 1 14  ? -4.778  -5.101  -9.896  1.00 37.83 ? 619 GLU A OE2 1 
ATOM   119 N N   . ASN A 1 15  ? 0.131   -5.751  -13.811 1.00 36.37 ? 620 ASN A N   1 
ATOM   120 C CA  . ASN A 1 15  ? 1.328   -6.321  -14.424 1.00 36.75 ? 620 ASN A CA  1 
ATOM   121 C C   . ASN A 1 15  ? 2.475   -5.347  -14.571 1.00 36.37 ? 620 ASN A C   1 
ATOM   122 O O   . ASN A 1 15  ? 3.633   -5.766  -14.493 1.00 36.73 ? 620 ASN A O   1 
ATOM   123 C CB  . ASN A 1 15  ? 0.984   -6.969  -15.767 1.00 36.74 ? 620 ASN A CB  1 
ATOM   124 C CG  . ASN A 1 15  ? 0.094   -8.205  -15.607 1.00 39.00 ? 620 ASN A CG  1 
ATOM   125 O OD1 . ASN A 1 15  ? -1.116  -8.160  -15.838 1.00 39.78 ? 620 ASN A OD1 1 
ATOM   126 N ND2 . ASN A 1 15  ? 0.705   -9.317  -15.218 1.00 39.81 ? 620 ASN A ND2 1 
ATOM   127 N N   . ILE A 1 16  ? 2.182   -4.059  -14.774 1.00 35.92 ? 621 ILE A N   1 
ATOM   128 C CA  . ILE A 1 16  ? 3.252   -3.076  -15.033 1.00 35.36 ? 621 ILE A CA  1 
ATOM   129 C C   . ILE A 1 16  ? 3.472   -2.045  -13.922 1.00 34.88 ? 621 ILE A C   1 
ATOM   130 O O   . ILE A 1 16  ? 4.592   -1.859  -13.451 1.00 35.05 ? 621 ILE A O   1 
ATOM   131 C CB  . ILE A 1 16  ? 3.010   -2.315  -16.353 1.00 35.05 ? 621 ILE A CB  1 
ATOM   132 C CG1 . ILE A 1 16  ? 2.976   -3.291  -17.545 1.00 35.68 ? 621 ILE A CG1 1 
ATOM   133 C CG2 . ILE A 1 16  ? 4.109   -1.299  -16.569 1.00 35.74 ? 621 ILE A CG2 1 
ATOM   134 C CD1 . ILE A 1 16  ? 4.317   -4.041  -17.817 1.00 36.11 ? 621 ILE A CD1 1 
ATOM   135 N N   . LEU A 1 17  ? 2.412   -1.360  -13.531 1.00 34.36 ? 622 LEU A N   1 
ATOM   136 C CA  . LEU A 1 17  ? 2.528   -0.166  -12.707 1.00 34.04 ? 622 LEU A CA  1 
ATOM   137 C C   . LEU A 1 17  ? 2.527   -0.402  -11.187 1.00 34.60 ? 622 LEU A C   1 
ATOM   138 O O   . LEU A 1 17  ? 2.922   0.498   -10.419 1.00 34.12 ? 622 LEU A O   1 
ATOM   139 C CB  . LEU A 1 17  ? 1.386   0.785   -13.059 1.00 34.07 ? 622 LEU A CB  1 
ATOM   140 C CG  . LEU A 1 17  ? 1.359   1.292   -14.512 1.00 32.30 ? 622 LEU A CG  1 
ATOM   141 C CD1 . LEU A 1 17  ? 0.169   2.182   -14.671 1.00 32.53 ? 622 LEU A CD1 1 
ATOM   142 C CD2 . LEU A 1 17  ? 2.654   2.039   -14.884 1.00 32.37 ? 622 LEU A CD2 1 
ATOM   143 N N   . ALA A 1 18  ? 2.077   -1.586  -10.754 1.00 34.84 ? 623 ALA A N   1 
ATOM   144 C CA  . ALA A 1 18  ? 1.956   -1.892  -9.321  1.00 35.12 ? 623 ALA A CA  1 
ATOM   145 C C   . ALA A 1 18  ? 2.077   -3.386  -9.029  1.00 35.48 ? 623 ALA A C   1 
ATOM   146 O O   . ALA A 1 18  ? 2.072   -4.206  -9.942  1.00 35.99 ? 623 ALA A O   1 
ATOM   147 C CB  . ALA A 1 18  ? 0.622   -1.374  -8.786  1.00 34.73 ? 623 ALA A CB  1 
ATOM   148 N N   . LYS A 1 19  ? 2.180   -3.720  -7.745  1.00 35.85 ? 624 LYS A N   1 
ATOM   149 C CA  . LYS A 1 19  ? 2.148   -5.112  -7.282  1.00 36.39 ? 624 LYS A CA  1 
ATOM   150 C C   . LYS A 1 19  ? 1.395   -5.183  -5.979  1.00 35.93 ? 624 LYS A C   1 
ATOM   151 O O   . LYS A 1 19  ? 1.283   -4.187  -5.275  1.00 35.16 ? 624 LYS A O   1 
ATOM   152 C CB  . LYS A 1 19  ? 3.554   -5.687  -7.088  1.00 36.58 ? 624 LYS A CB  1 
ATOM   153 C CG  . LYS A 1 19  ? 4.501   -4.766  -6.352  1.00 38.62 ? 624 LYS A CG  1 
ATOM   154 C CD  . LYS A 1 19  ? 5.828   -5.486  -5.996  1.00 41.70 ? 624 LYS A CD  1 
ATOM   155 C CE  . LYS A 1 19  ? 6.940   -4.486  -5.614  1.00 43.49 ? 624 LYS A CE  1 
ATOM   156 N NZ  . LYS A 1 19  ? 6.476   -3.363  -4.697  1.00 44.65 ? 624 LYS A NZ  1 
ATOM   157 N N   . ARG A 1 20  ? 0.879   -6.371  -5.691  1.00 35.60 ? 625 ARG A N   1 
ATOM   158 C CA  . ARG A 1 20  ? 0.092   -6.632  -4.505  1.00 36.34 ? 625 ARG A CA  1 
ATOM   159 C C   . ARG A 1 20  ? 0.973   -7.290  -3.474  1.00 35.91 ? 625 ARG A C   1 
ATOM   160 O O   . ARG A 1 20  ? 1.586   -8.319  -3.749  1.00 36.11 ? 625 ARG A O   1 
ATOM   161 C CB  . ARG A 1 20  ? -1.047  -7.601  -4.825  1.00 36.44 ? 625 ARG A CB  1 
ATOM   162 C CG  . ARG A 1 20  ? -1.934  -7.173  -6.026  1.00 38.22 ? 625 ARG A CG  1 
ATOM   163 C CD  . ARG A 1 20  ? -3.245  -6.644  -5.567  1.00 38.13 ? 625 ARG A CD  1 
ATOM   164 N NE  . ARG A 1 20  ? -3.977  -5.925  -6.619  1.00 38.53 ? 625 ARG A NE  1 
ATOM   165 C CZ  . ARG A 1 20  ? -4.973  -5.078  -6.361  1.00 36.98 ? 625 ARG A CZ  1 
ATOM   166 N NH1 . ARG A 1 20  ? -5.360  -4.869  -5.103  1.00 33.69 ? 625 ARG A NH1 1 
ATOM   167 N NH2 . ARG A 1 20  ? -5.596  -4.442  -7.353  1.00 37.57 ? 625 ARG A NH2 1 
ATOM   168 N N   . LEU A 1 21  ? 1.026   -6.711  -2.290  1.00 35.25 ? 626 LEU A N   1 
ATOM   169 C CA  . LEU A 1 21  ? 1.822   -7.258  -1.200  1.00 34.96 ? 626 LEU A CA  1 
ATOM   170 C C   . LEU A 1 21  ? 0.901   -7.632  -0.060  1.00 34.61 ? 626 LEU A C   1 
ATOM   171 O O   . LEU A 1 21  ? -0.204  -7.109  0.055   1.00 34.97 ? 626 LEU A O   1 
ATOM   172 C CB  . LEU A 1 21  ? 2.843   -6.228  -0.735  1.00 34.57 ? 626 LEU A CB  1 
ATOM   173 C CG  . LEU A 1 21  ? 3.799   -5.695  -1.808  1.00 35.87 ? 626 LEU A CG  1 
ATOM   174 C CD1 . LEU A 1 21  ? 4.699   -4.643  -1.187  1.00 36.42 ? 626 LEU A CD1 1 
ATOM   175 C CD2 . LEU A 1 21  ? 4.651   -6.821  -2.482  1.00 34.34 ? 626 LEU A CD2 1 
ATOM   176 N N   . LEU A 1 22  ? 1.353   -8.537  0.786   1.00 34.83 ? 627 LEU A N   1 
ATOM   177 C CA  . LEU A 1 22  ? 0.613   -8.894  1.991   1.00 35.07 ? 627 LEU A CA  1 
ATOM   178 C C   . LEU A 1 22  ? 1.570   -8.948  3.168   1.00 35.16 ? 627 LEU A C   1 
ATOM   179 O O   . LEU A 1 22  ? 2.588   -9.646  3.109   1.00 35.69 ? 627 LEU A O   1 
ATOM   180 C CB  . LEU A 1 22  ? -0.122  -10.239 1.816   1.00 35.39 ? 627 LEU A CB  1 
ATOM   181 C CG  . LEU A 1 22  ? -0.923  -10.700 3.050   1.00 35.23 ? 627 LEU A CG  1 
ATOM   182 C CD1 . LEU A 1 22  ? -2.205  -11.460 2.690   1.00 35.58 ? 627 LEU A CD1 1 
ATOM   183 C CD2 . LEU A 1 22  ? -0.036  -11.549 3.935   1.00 34.68 ? 627 LEU A CD2 1 
ATOM   184 N N   . ILE A 1 23  ? 1.234   -8.211  4.231   1.00 34.62 ? 628 ILE A N   1 
ATOM   185 C CA  . ILE A 1 23  ? 2.058   -8.109  5.423   1.00 33.84 ? 628 ILE A CA  1 
ATOM   186 C C   . ILE A 1 23  ? 1.238   -8.493  6.672   1.00 33.95 ? 628 ILE A C   1 
ATOM   187 O O   . ILE A 1 23  ? 0.162   -7.943  6.918   1.00 33.43 ? 628 ILE A O   1 
ATOM   188 C CB  . ILE A 1 23  ? 2.575   -6.681  5.603   1.00 33.47 ? 628 ILE A CB  1 
ATOM   189 C CG1 . ILE A 1 23  ? 3.324   -6.207  4.352   1.00 33.44 ? 628 ILE A CG1 1 
ATOM   190 C CG2 . ILE A 1 23  ? 3.499   -6.598  6.806   1.00 33.48 ? 628 ILE A CG2 1 
ATOM   191 C CD1 . ILE A 1 23  ? 3.708   -4.727  4.414   1.00 33.13 ? 628 ILE A CD1 1 
ATOM   192 N N   . LEU A 1 24  ? 1.751   -9.437  7.449   1.00 34.03 ? 629 LEU A N   1 
ATOM   193 C CA  . LEU A 1 24  ? 1.113   -9.827  8.693   1.00 34.91 ? 629 LEU A CA  1 
ATOM   194 C C   . LEU A 1 24  ? 1.529   -8.855  9.791   1.00 35.77 ? 629 LEU A C   1 
ATOM   195 O O   . LEU A 1 24  ? 2.603   -8.261  9.714   1.00 35.84 ? 629 LEU A O   1 
ATOM   196 C CB  . LEU A 1 24  ? 1.525   -11.242 9.100   1.00 34.55 ? 629 LEU A CB  1 
ATOM   197 C CG  . LEU A 1 24  ? 0.970   -12.412 8.288   1.00 35.19 ? 629 LEU A CG  1 
ATOM   198 C CD1 . LEU A 1 24  ? 1.342   -13.694 9.035   1.00 34.25 ? 629 LEU A CD1 1 
ATOM   199 C CD2 . LEU A 1 24  ? -0.544  -12.342 8.068   1.00 32.69 ? 629 LEU A CD2 1 
ATOM   200 N N   . PRO A 1 25  ? 0.683   -8.688  10.815  1.00 37.06 ? 630 PRO A N   1 
ATOM   201 C CA  . PRO A 1 25  ? 1.002   -7.744  11.871  1.00 38.26 ? 630 PRO A CA  1 
ATOM   202 C C   . PRO A 1 25  ? 2.140   -8.229  12.750  1.00 39.41 ? 630 PRO A C   1 
ATOM   203 O O   . PRO A 1 25  ? 2.249   -9.421  13.020  1.00 39.28 ? 630 PRO A O   1 
ATOM   204 C CB  . PRO A 1 25  ? -0.286  -7.681  12.690  1.00 38.02 ? 630 PRO A CB  1 
ATOM   205 C CG  . PRO A 1 25  ? -0.958  -8.969  12.425  1.00 37.84 ? 630 PRO A CG  1 
ATOM   206 C CD  . PRO A 1 25  ? -0.646  -9.293  11.004  1.00 37.16 ? 630 PRO A CD  1 
ATOM   207 N N   . GLN A 1 26  ? 2.960   -7.292  13.197  1.00 41.17 ? 631 GLN A N   1 
ATOM   208 C CA  . GLN A 1 26  ? 4.116   -7.590  14.042  1.00 42.86 ? 631 GLN A CA  1 
ATOM   209 C C   . GLN A 1 26  ? 3.845   -7.031  15.446  1.00 44.20 ? 631 GLN A C   1 
ATOM   210 O O   . GLN A 1 26  ? 2.695   -7.047  15.897  1.00 44.35 ? 631 GLN A O   1 
ATOM   211 C CB  . GLN A 1 26  ? 5.379   -7.033  13.364  1.00 42.69 ? 631 GLN A CB  1 
ATOM   212 C CG  . GLN A 1 26  ? 5.638   -7.754  12.017  1.00 43.05 ? 631 GLN A CG  1 
ATOM   213 C CD  . GLN A 1 26  ? 5.889   -6.816  10.849  1.00 43.74 ? 631 GLN A CD  1 
ATOM   214 O OE1 . GLN A 1 26  ? 6.969   -6.245  10.731  1.00 43.98 ? 631 GLN A OE1 1 
ATOM   215 N NE2 . GLN A 1 26  ? 4.901   -6.681  9.961   1.00 42.34 ? 631 GLN A NE2 1 
ATOM   216 N N   . GLU A 1 27  ? 4.864   -6.539  16.146  1.00 45.98 ? 632 GLU A N   1 
ATOM   217 C CA  . GLU A 1 27  ? 4.682   -6.177  17.562  1.00 47.13 ? 632 GLU A CA  1 
ATOM   218 C C   . GLU A 1 27  ? 3.765   -4.963  17.764  1.00 46.78 ? 632 GLU A C   1 
ATOM   219 O O   . GLU A 1 27  ? 2.735   -5.070  18.450  1.00 46.99 ? 632 GLU A O   1 
ATOM   220 C CB  . GLU A 1 27  ? 6.043   -5.974  18.255  1.00 48.06 ? 632 GLU A CB  1 
ATOM   221 C CG  . GLU A 1 27  ? 6.632   -7.279  18.814  1.00 51.93 ? 632 GLU A CG  1 
ATOM   222 C CD  . GLU A 1 27  ? 5.979   -7.702  20.147  1.00 57.40 ? 632 GLU A CD  1 
ATOM   223 O OE1 . GLU A 1 27  ? 5.489   -8.872  20.235  1.00 59.74 ? 632 GLU A OE1 1 
ATOM   224 O OE2 . GLU A 1 27  ? 5.961   -6.861  21.103  1.00 59.78 ? 632 GLU A OE2 1 
ATOM   225 N N   . GLU A 1 28  ? 4.142   -3.835  17.153  1.00 46.29 ? 633 GLU A N   1 
ATOM   226 C CA  . GLU A 1 28  ? 3.462   -2.529  17.340  1.00 46.09 ? 633 GLU A CA  1 
ATOM   227 C C   . GLU A 1 28  ? 2.819   -1.959  16.056  1.00 45.26 ? 633 GLU A C   1 
ATOM   228 O O   . GLU A 1 28  ? 2.067   -0.964  16.112  1.00 45.77 ? 633 GLU A O   1 
ATOM   229 C CB  . GLU A 1 28  ? 4.474   -1.492  17.874  1.00 46.10 ? 633 GLU A CB  1 
ATOM   230 C CG  . GLU A 1 28  ? 5.281   -1.956  19.107  1.00 48.26 ? 633 GLU A CG  1 
ATOM   231 N N   . ASP A 1 29  ? 3.128   -2.566  14.909  1.00 43.97 ? 634 ASP A N   1 
ATOM   232 C CA  . ASP A 1 29  ? 2.609   -2.123  13.620  1.00 43.20 ? 634 ASP A CA  1 
ATOM   233 C C   . ASP A 1 29  ? 2.955   -3.176  12.571  1.00 41.94 ? 634 ASP A C   1 
ATOM   234 O O   . ASP A 1 29  ? 3.263   -4.317  12.926  1.00 41.60 ? 634 ASP A O   1 
ATOM   235 C CB  . ASP A 1 29  ? 3.170   -0.738  13.255  1.00 43.61 ? 634 ASP A CB  1 
ATOM   236 C CG  . ASP A 1 29  ? 4.689   -0.680  13.310  1.00 45.00 ? 634 ASP A CG  1 
ATOM   237 O OD1 . ASP A 1 29  ? 5.352   -1.743  13.355  1.00 44.40 ? 634 ASP A OD1 1 
ATOM   238 O OD2 . ASP A 1 29  ? 5.214   0.451   13.307  1.00 48.96 ? 634 ASP A OD2 1 
ATOM   239 N N   . TYR A 1 30  ? 2.878   -2.809  11.294  1.00 40.30 ? 635 TYR A N   1 
ATOM   240 C CA  . TYR A 1 30  ? 3.195   -3.724  10.210  1.00 39.07 ? 635 TYR A CA  1 
ATOM   241 C C   . TYR A 1 30  ? 4.641   -3.579  9.716   1.00 38.72 ? 635 TYR A C   1 
ATOM   242 O O   . TYR A 1 30  ? 4.988   -4.076  8.654   1.00 38.79 ? 635 TYR A O   1 
ATOM   243 C CB  . TYR A 1 30  ? 2.233   -3.507  9.059   1.00 38.47 ? 635 TYR A CB  1 
ATOM   244 C CG  . TYR A 1 30  ? 0.818   -3.892  9.373   1.00 36.53 ? 635 TYR A CG  1 
ATOM   245 C CD1 . TYR A 1 30  ? 0.391   -5.188  9.223   1.00 34.80 ? 635 TYR A CD1 1 
ATOM   246 C CD2 . TYR A 1 30  ? -0.102  -2.944  9.802   1.00 35.69 ? 635 TYR A CD2 1 
ATOM   247 C CE1 . TYR A 1 30  ? -0.920  -5.548  9.512   1.00 34.25 ? 635 TYR A CE1 1 
ATOM   248 C CE2 . TYR A 1 30  ? -1.420  -3.288  10.084  1.00 34.17 ? 635 TYR A CE2 1 
ATOM   249 C CZ  . TYR A 1 30  ? -1.824  -4.584  9.935   1.00 32.91 ? 635 TYR A CZ  1 
ATOM   250 O OH  . TYR A 1 30  ? -3.140  -4.927  10.188  1.00 31.34 ? 635 TYR A OH  1 
ATOM   251 N N   . GLY A 1 31  ? 5.479   -2.908  10.486  1.00 38.36 ? 636 GLY A N   1 
ATOM   252 C CA  . GLY A 1 31  ? 6.897   -2.838  10.187  1.00 38.57 ? 636 GLY A CA  1 
ATOM   253 C C   . GLY A 1 31  ? 7.242   -1.766  9.189   1.00 38.78 ? 636 GLY A C   1 
ATOM   254 O O   . GLY A 1 31  ? 8.291   -1.808  8.558   1.00 39.24 ? 636 GLY A O   1 
ATOM   255 N N   . PHE A 1 32  ? 6.365   -0.796  9.026   1.00 38.99 ? 637 PHE A N   1 
ATOM   256 C CA  . PHE A 1 32  ? 6.668   0.305   8.149   1.00 39.04 ? 637 PHE A CA  1 
ATOM   257 C C   . PHE A 1 32  ? 5.890   1.505   8.541   1.00 39.76 ? 637 PHE A C   1 
ATOM   258 O O   . PHE A 1 32  ? 4.921   1.422   9.280   1.00 39.63 ? 637 PHE A O   1 
ATOM   259 C CB  . PHE A 1 32  ? 6.394   -0.053  6.681   1.00 38.58 ? 637 PHE A CB  1 
ATOM   260 C CG  . PHE A 1 32  ? 4.931   -0.133  6.318   1.00 36.38 ? 637 PHE A CG  1 
ATOM   261 C CD1 . PHE A 1 32  ? 4.263   0.972   5.809   1.00 34.64 ? 637 PHE A CD1 1 
ATOM   262 C CD2 . PHE A 1 32  ? 4.240   -1.329  6.432   1.00 34.92 ? 637 PHE A CD2 1 
ATOM   263 C CE1 . PHE A 1 32  ? 2.895   0.882   5.442   1.00 34.30 ? 637 PHE A CE1 1 
ATOM   264 C CE2 . PHE A 1 32  ? 2.878   -1.422  6.076   1.00 33.07 ? 637 PHE A CE2 1 
ATOM   265 C CZ  . PHE A 1 32  ? 2.221   -0.329  5.578   1.00 33.11 ? 637 PHE A CZ  1 
ATOM   266 N N   . ASP A 1 33  ? 6.307   2.618   7.982   1.00 41.32 ? 638 ASP A N   1 
ATOM   267 C CA  . ASP A 1 33  ? 5.723   3.896   8.271   1.00 43.17 ? 638 ASP A CA  1 
ATOM   268 C C   . ASP A 1 33  ? 5.377   4.535   6.939   1.00 43.16 ? 638 ASP A C   1 
ATOM   269 O O   . ASP A 1 33  ? 6.007   4.215   5.925   1.00 42.46 ? 638 ASP A O   1 
ATOM   270 C CB  . ASP A 1 33  ? 6.779   4.740   9.002   1.00 44.00 ? 638 ASP A CB  1 
ATOM   271 C CG  . ASP A 1 33  ? 6.225   5.487   10.188  1.00 48.71 ? 638 ASP A CG  1 
ATOM   272 O OD1 . ASP A 1 33  ? 4.960   5.579   10.324  1.00 53.95 ? 638 ASP A OD1 1 
ATOM   273 O OD2 . ASP A 1 33  ? 7.073   5.988   10.991  1.00 53.09 ? 638 ASP A OD2 1 
ATOM   274 N N   . ILE A 1 34  ? 4.398   5.445   6.952   1.00 43.77 ? 639 ILE A N   1 
ATOM   275 C CA  . ILE A 1 34  ? 3.992   6.205   5.763   1.00 44.42 ? 639 ILE A CA  1 
ATOM   276 C C   . ILE A 1 34  ? 4.086   7.715   5.969   1.00 45.77 ? 639 ILE A C   1 
ATOM   277 O O   . ILE A 1 34  ? 4.069   8.195   7.101   1.00 45.64 ? 639 ILE A O   1 
ATOM   278 C CB  . ILE A 1 34  ? 2.540   5.866   5.326   1.00 44.44 ? 639 ILE A CB  1 
ATOM   279 C CG1 . ILE A 1 34  ? 1.541   6.095   6.480   1.00 43.59 ? 639 ILE A CG1 1 
ATOM   280 C CG2 . ILE A 1 34  ? 2.477   4.424   4.803   1.00 43.57 ? 639 ILE A CG2 1 
ATOM   281 C CD1 . ILE A 1 34  ? 0.107   6.305   6.019   1.00 43.05 ? 639 ILE A CD1 1 
ATOM   282 N N   . GLU A 1 35  ? 4.188   8.450   4.859   1.00 47.32 ? 640 GLU A N   1 
ATOM   283 C CA  . GLU A 1 35  ? 4.163   9.912   4.874   1.00 48.88 ? 640 GLU A CA  1 
ATOM   284 C C   . GLU A 1 35  ? 3.485   10.410  3.604   1.00 49.77 ? 640 GLU A C   1 
ATOM   285 O O   . GLU A 1 35  ? 3.315   9.647   2.644   1.00 49.67 ? 640 GLU A O   1 
ATOM   286 C CB  . GLU A 1 35  ? 5.595   10.495  4.977   1.00 49.23 ? 640 GLU A CB  1 
ATOM   287 C CG  . GLU A 1 35  ? 6.426   10.379  3.677   1.00 50.76 ? 640 GLU A CG  1 
ATOM   288 C CD  . GLU A 1 35  ? 7.914   10.719  3.855   1.00 54.16 ? 640 GLU A CD  1 
ATOM   289 O OE1 . GLU A 1 35  ? 8.261   11.466  4.804   1.00 56.18 ? 640 GLU A OE1 1 
ATOM   290 O OE2 . GLU A 1 35  ? 8.734   10.247  3.025   1.00 55.13 ? 640 GLU A OE2 1 
ATOM   291 N N   . GLU A 1 36  ? 3.106   11.683  3.602   1.00 51.01 ? 641 GLU A N   1 
ATOM   292 C CA  . GLU A 1 36  ? 2.503   12.314  2.431   1.00 52.40 ? 641 GLU A CA  1 
ATOM   293 C C   . GLU A 1 36  ? 3.577   13.007  1.600   1.00 53.38 ? 641 GLU A C   1 
ATOM   294 O O   . GLU A 1 36  ? 4.456   13.673  2.154   1.00 53.16 ? 641 GLU A O   1 
ATOM   295 C CB  . GLU A 1 36  ? 1.427   13.319  2.848   1.00 52.72 ? 641 GLU A CB  1 
ATOM   296 C CG  . GLU A 1 36  ? 0.457   13.683  1.723   1.00 54.14 ? 641 GLU A CG  1 
ATOM   297 C CD  . GLU A 1 36  ? -0.797  14.413  2.204   1.00 56.31 ? 641 GLU A CD  1 
ATOM   298 O OE1 . GLU A 1 36  ? -0.796  14.964  3.340   1.00 56.09 ? 641 GLU A OE1 1 
ATOM   299 O OE2 . GLU A 1 36  ? -1.789  14.432  1.429   1.00 57.83 ? 641 GLU A OE2 1 
ATOM   300 N N   . LYS A 1 37  ? 3.505   12.809  0.275   1.00 54.59 ? 642 LYS A N   1 
ATOM   301 C CA  . LYS A 1 37  ? 4.393   13.453  -0.719  1.00 55.28 ? 642 LYS A CA  1 
ATOM   302 C C   . LYS A 1 37  ? 3.541   13.786  -1.943  1.00 56.05 ? 642 LYS A C   1 
ATOM   303 O O   . LYS A 1 37  ? 2.757   12.939  -2.418  1.00 56.58 ? 642 LYS A O   1 
ATOM   304 C CB  . LYS A 1 37  ? 5.549   12.536  -1.111  1.00 55.45 ? 642 LYS A CB  1 
ATOM   305 N N   . ASN A 1 38  ? 3.677   15.012  -2.458  1.00 56.43 ? 643 ASN A N   1 
ATOM   306 C CA  . ASN A 1 38  ? 2.659   15.580  -3.351  1.00 56.45 ? 643 ASN A CA  1 
ATOM   307 C C   . ASN A 1 38  ? 1.264   15.341  -2.709  1.00 56.39 ? 643 ASN A C   1 
ATOM   308 O O   . ASN A 1 38  ? 1.051   15.745  -1.550  1.00 57.25 ? 643 ASN A O   1 
ATOM   309 C CB  . ASN A 1 38  ? 2.773   15.004  -4.770  1.00 56.65 ? 643 ASN A CB  1 
ATOM   310 N N   . LYS A 1 39  ? 0.330   14.705  -3.421  1.00 55.54 ? 644 LYS A N   1 
ATOM   311 C CA  . LYS A 1 39  ? -0.971  14.329  -2.824  1.00 54.81 ? 644 LYS A CA  1 
ATOM   312 C C   . LYS A 1 39  ? -1.064  12.810  -2.620  1.00 53.82 ? 644 LYS A C   1 
ATOM   313 O O   . LYS A 1 39  ? -2.170  12.261  -2.448  1.00 54.17 ? 644 LYS A O   1 
ATOM   314 C CB  . LYS A 1 39  ? -2.135  14.798  -3.705  1.00 55.01 ? 644 LYS A CB  1 
ATOM   315 N N   . ALA A 1 40  ? 0.097   12.146  -2.610  1.00 52.11 ? 645 ALA A N   1 
ATOM   316 C CA  . ALA A 1 40  ? 0.177   10.688  -2.576  1.00 50.66 ? 645 ALA A CA  1 
ATOM   317 C C   . ALA A 1 40  ? 0.802   10.203  -1.277  1.00 49.14 ? 645 ALA A C   1 
ATOM   318 O O   . ALA A 1 40  ? 1.561   10.911  -0.635  1.00 49.72 ? 645 ALA A O   1 
ATOM   319 C CB  . ALA A 1 40  ? 0.984   10.191  -3.754  1.00 50.79 ? 645 ALA A CB  1 
ATOM   320 N N   . VAL A 1 41  ? 0.459   8.986   -0.895  1.00 46.99 ? 646 VAL A N   1 
ATOM   321 C CA  . VAL A 1 41  ? 0.965   8.375   0.305   1.00 45.14 ? 646 VAL A CA  1 
ATOM   322 C C   . VAL A 1 41  ? 2.139   7.519   -0.125  1.00 43.99 ? 646 VAL A C   1 
ATOM   323 O O   . VAL A 1 41  ? 2.036   6.783   -1.106  1.00 42.62 ? 646 VAL A O   1 
ATOM   324 C CB  . VAL A 1 41  ? -0.108  7.498   0.956   1.00 44.79 ? 646 VAL A CB  1 
ATOM   325 C CG1 . VAL A 1 41  ? 0.480   6.685   2.086   1.00 44.32 ? 646 VAL A CG1 1 
ATOM   326 C CG2 . VAL A 1 41  ? -1.266  8.367   1.441   1.00 45.57 ? 646 VAL A CG2 1 
ATOM   327 N N   . VAL A 1 42  ? 3.259   7.640   0.578   1.00 42.58 ? 647 VAL A N   1 
ATOM   328 C CA  . VAL A 1 42  ? 4.426   6.851   0.248   1.00 42.51 ? 647 VAL A CA  1 
ATOM   329 C C   . VAL A 1 42  ? 5.012   6.220   1.503   1.00 42.19 ? 647 VAL A C   1 
ATOM   330 O O   . VAL A 1 42  ? 4.755   6.671   2.628   1.00 41.71 ? 647 VAL A O   1 
ATOM   331 C CB  . VAL A 1 42  ? 5.501   7.676   -0.475  1.00 42.69 ? 647 VAL A CB  1 
ATOM   332 C CG1 . VAL A 1 42  ? 4.880   8.520   -1.589  1.00 42.76 ? 647 VAL A CG1 1 
ATOM   333 C CG2 . VAL A 1 42  ? 6.259   8.545   0.501   1.00 42.83 ? 647 VAL A CG2 1 
ATOM   334 N N   . VAL A 1 43  ? 5.785   5.161   1.305   1.00 41.82 ? 648 VAL A N   1 
ATOM   335 C CA  . VAL A 1 43  ? 6.428   4.492   2.412   1.00 41.60 ? 648 VAL A CA  1 
ATOM   336 C C   . VAL A 1 43  ? 7.575   5.372   2.908   1.00 42.46 ? 648 VAL A C   1 
ATOM   337 O O   . VAL A 1 43  ? 8.488   5.701   2.155   1.00 42.61 ? 648 VAL A O   1 
ATOM   338 C CB  . VAL A 1 43  ? 6.961   3.112   2.013   1.00 41.35 ? 648 VAL A CB  1 
ATOM   339 C CG1 . VAL A 1 43  ? 7.530   2.398   3.237   1.00 39.93 ? 648 VAL A CG1 1 
ATOM   340 C CG2 . VAL A 1 43  ? 5.854   2.280   1.341   1.00 39.96 ? 648 VAL A CG2 1 
ATOM   341 N N   . LYS A 1 44  ? 7.512   5.736   4.179   1.00 43.30 ? 649 LYS A N   1 
ATOM   342 C CA  . LYS A 1 44  ? 8.511   6.597   4.819   1.00 44.20 ? 649 LYS A CA  1 
ATOM   343 C C   . LYS A 1 44  ? 9.728   5.799   5.292   1.00 44.41 ? 649 LYS A C   1 
ATOM   344 O O   . LYS A 1 44  ? 10.869  6.248   5.160   1.00 45.33 ? 649 LYS A O   1 
ATOM   345 C CB  . LYS A 1 44  ? 7.849   7.327   6.007   1.00 44.43 ? 649 LYS A CB  1 
ATOM   346 C CG  . LYS A 1 44  ? 8.786   8.161   6.895   1.00 45.84 ? 649 LYS A CG  1 
ATOM   347 C CD  . LYS A 1 44  ? 7.989   9.107   7.815   1.00 47.54 ? 649 LYS A CD  1 
ATOM   348 C CE  . LYS A 1 44  ? 8.902   9.815   8.817   1.00 50.31 ? 649 LYS A CE  1 
ATOM   349 N NZ  . LYS A 1 44  ? 10.150  10.340  8.136   1.00 51.03 ? 649 LYS A NZ  1 
ATOM   350 N N   . SER A 1 45  ? 9.474   4.622   5.855   1.00 44.28 ? 650 SER A N   1 
ATOM   351 C CA  . SER A 1 45  ? 10.531  3.776   6.395   1.00 44.15 ? 650 SER A CA  1 
ATOM   352 C C   . SER A 1 45  ? 10.076  2.321   6.411   1.00 44.21 ? 650 SER A C   1 
ATOM   353 O O   . SER A 1 45  ? 8.882   2.043   6.527   1.00 43.31 ? 650 SER A O   1 
ATOM   354 C CB  . SER A 1 45  ? 10.879  4.223   7.818   1.00 44.35 ? 650 SER A CB  1 
ATOM   355 O OG  . SER A 1 45  ? 9.704   4.357   8.618   1.00 43.92 ? 650 SER A OG  1 
ATOM   356 N N   . VAL A 1 46  ? 11.020  1.400   6.266   1.00 44.63 ? 651 VAL A N   1 
ATOM   357 C CA  . VAL A 1 46  ? 10.741  -0.016  6.468   1.00 45.09 ? 651 VAL A CA  1 
ATOM   358 C C   . VAL A 1 46  ? 11.726  -0.536  7.509   1.00 46.34 ? 651 VAL A C   1 
ATOM   359 O O   . VAL A 1 46  ? 12.943  -0.299  7.408   1.00 46.57 ? 651 VAL A O   1 
ATOM   360 C CB  . VAL A 1 46  ? 10.818  -0.825  5.139   1.00 45.49 ? 651 VAL A CB  1 
ATOM   361 C CG1 . VAL A 1 46  ? 10.634  -2.320  5.384   1.00 43.50 ? 651 VAL A CG1 1 
ATOM   362 C CG2 . VAL A 1 46  ? 9.762   -0.301  4.135   1.00 43.75 ? 651 VAL A CG2 1 
ATOM   363 N N   . GLN A 1 47  ? 11.186  -1.208  8.529   1.00 47.25 ? 652 GLN A N   1 
ATOM   364 C CA  . GLN A 1 47  ? 11.988  -1.793  9.592   1.00 47.95 ? 652 GLN A CA  1 
ATOM   365 C C   . GLN A 1 47  ? 12.840  -2.903  9.003   1.00 48.31 ? 652 GLN A C   1 
ATOM   366 O O   . GLN A 1 47  ? 12.303  -3.846  8.392   1.00 48.12 ? 652 GLN A O   1 
ATOM   367 C CB  . GLN A 1 47  ? 11.100  -2.362  10.716  1.00 48.28 ? 652 GLN A CB  1 
ATOM   368 C CG  . GLN A 1 47  ? 10.580  -1.320  11.713  1.00 49.62 ? 652 GLN A CG  1 
ATOM   369 N N   . ARG A 1 48  ? 14.164  -2.780  9.191   1.00 48.31 ? 653 ARG A N   1 
ATOM   370 C CA  . ARG A 1 48  ? 15.132  -3.764  8.693   1.00 48.09 ? 653 ARG A CA  1 
ATOM   371 C C   . ARG A 1 48  ? 14.806  -5.129  9.318   1.00 47.40 ? 653 ARG A C   1 
ATOM   372 O O   . ARG A 1 48  ? 14.578  -5.225  10.517  1.00 47.75 ? 653 ARG A O   1 
ATOM   373 C CB  . ARG A 1 48  ? 16.581  -3.326  9.042   1.00 48.73 ? 653 ARG A CB  1 
ATOM   374 C CG  . ARG A 1 48  ? 17.640  -3.611  7.945   1.00 49.78 ? 653 ARG A CG  1 
ATOM   375 N N   . GLY A 1 49  ? 14.751  -6.174  8.498   1.00 46.64 ? 654 GLY A N   1 
ATOM   376 C CA  . GLY A 1 49  ? 14.472  -7.527  8.997   1.00 45.69 ? 654 GLY A CA  1 
ATOM   377 C C   . GLY A 1 49  ? 13.009  -7.879  9.219   1.00 44.67 ? 654 GLY A C   1 
ATOM   378 O O   . GLY A 1 49  ? 12.691  -9.034  9.534   1.00 44.89 ? 654 GLY A O   1 
ATOM   379 N N   . SER A 1 50  ? 12.111  -6.910  9.041   1.00 42.80 ? 655 SER A N   1 
ATOM   380 C CA  . SER A 1 50  ? 10.694  -7.115  9.351   1.00 41.36 ? 655 SER A CA  1 
ATOM   381 C C   . SER A 1 50  ? 9.980   -7.900  8.259   1.00 40.53 ? 655 SER A C   1 
ATOM   382 O O   . SER A 1 50  ? 10.512  -8.087  7.153   1.00 40.06 ? 655 SER A O   1 
ATOM   383 C CB  . SER A 1 50  ? 9.991   -5.776  9.527   1.00 41.09 ? 655 SER A CB  1 
ATOM   384 O OG  . SER A 1 50  ? 9.914   -5.058  8.298   1.00 40.31 ? 655 SER A OG  1 
ATOM   385 N N   . LEU A 1 51  ? 8.752   -8.325  8.567   1.00 39.57 ? 656 LEU A N   1 
ATOM   386 C CA  . LEU A 1 51  ? 7.881   -8.986  7.592   1.00 38.51 ? 656 LEU A CA  1 
ATOM   387 C C   . LEU A 1 51  ? 7.480   -8.059  6.435   1.00 38.36 ? 656 LEU A C   1 
ATOM   388 O O   . LEU A 1 51  ? 7.088   -8.525  5.363   1.00 37.96 ? 656 LEU A O   1 
ATOM   389 C CB  . LEU A 1 51  ? 6.634   -9.526  8.281   1.00 38.22 ? 656 LEU A CB  1 
ATOM   390 C CG  . LEU A 1 51  ? 6.808   -10.648 9.316   1.00 37.47 ? 656 LEU A CG  1 
ATOM   391 C CD1 . LEU A 1 51  ? 5.475   -10.991 9.949   1.00 35.75 ? 656 LEU A CD1 1 
ATOM   392 C CD2 . LEU A 1 51  ? 7.426   -11.896 8.685   1.00 35.52 ? 656 LEU A CD2 1 
ATOM   393 N N   . ALA A 1 52  ? 7.559   -6.749  6.650   1.00 38.13 ? 657 ALA A N   1 
ATOM   394 C CA  . ALA A 1 52  ? 7.306   -5.790  5.578   1.00 38.30 ? 657 ALA A CA  1 
ATOM   395 C C   . ALA A 1 52  ? 8.416   -5.857  4.523   1.00 38.59 ? 657 ALA A C   1 
ATOM   396 O O   . ALA A 1 52  ? 8.147   -5.825  3.333   1.00 38.45 ? 657 ALA A O   1 
ATOM   397 C CB  . ALA A 1 52  ? 7.195   -4.399  6.132   1.00 37.74 ? 657 ALA A CB  1 
ATOM   398 N N   . GLU A 1 53  ? 9.659   -5.939  4.983   1.00 39.20 ? 658 GLU A N   1 
ATOM   399 C CA  . GLU A 1 53  ? 10.813  -6.073  4.104   1.00 40.15 ? 658 GLU A CA  1 
ATOM   400 C C   . GLU A 1 53  ? 10.757  -7.416  3.392   1.00 39.75 ? 658 GLU A C   1 
ATOM   401 O O   . GLU A 1 53  ? 10.855  -7.488  2.162   1.00 40.52 ? 658 GLU A O   1 
ATOM   402 C CB  . GLU A 1 53  ? 12.114  -5.959  4.924   1.00 40.85 ? 658 GLU A CB  1 
ATOM   403 C CG  . GLU A 1 53  ? 13.398  -6.221  4.141   1.00 43.33 ? 658 GLU A CG  1 
ATOM   404 C CD  . GLU A 1 53  ? 14.635  -6.038  4.997   1.00 47.14 ? 658 GLU A CD  1 
ATOM   405 O OE1 . GLU A 1 53  ? 15.063  -7.022  5.647   1.00 50.01 ? 658 GLU A OE1 1 
ATOM   406 O OE2 . GLU A 1 53  ? 15.157  -4.904  5.044   1.00 49.05 ? 658 GLU A OE2 1 
ATOM   407 N N   . VAL A 1 54  ? 10.585  -8.477  4.177   1.00 39.18 ? 659 VAL A N   1 
ATOM   408 C CA  . VAL A 1 54  ? 10.322  -9.818  3.646   1.00 38.41 ? 659 VAL A CA  1 
ATOM   409 C C   . VAL A 1 54  ? 9.267   -9.799  2.535   1.00 38.51 ? 659 VAL A C   1 
ATOM   410 O O   . VAL A 1 54  ? 9.431   -10.467 1.513   1.00 38.02 ? 659 VAL A O   1 
ATOM   411 C CB  . VAL A 1 54  ? 9.891   -10.775 4.785   1.00 38.63 ? 659 VAL A CB  1 
ATOM   412 C CG1 . VAL A 1 54  ? 9.424   -12.145 4.234   1.00 38.51 ? 659 VAL A CG1 1 
ATOM   413 C CG2 . VAL A 1 54  ? 11.042  -10.943 5.809   1.00 36.13 ? 659 VAL A CG2 1 
ATOM   414 N N   . ALA A 1 55  ? 8.199   -9.022  2.730   1.00 38.40 ? 660 ALA A N   1 
ATOM   415 C CA  . ALA A 1 55  ? 7.067   -8.976  1.786   1.00 38.44 ? 660 ALA A CA  1 
ATOM   416 C C   . ALA A 1 55  ? 7.424   -8.252  0.498   1.00 38.80 ? 660 ALA A C   1 
ATOM   417 O O   . ALA A 1 55  ? 6.798   -8.484  -0.539  1.00 39.02 ? 660 ALA A O   1 
ATOM   418 C CB  . ALA A 1 55  ? 5.865   -8.310  2.422   1.00 37.99 ? 660 ALA A CB  1 
ATOM   419 N N   . GLY A 1 56  ? 8.413   -7.374  0.577   1.00 39.12 ? 661 GLY A N   1 
ATOM   420 C CA  . GLY A 1 56  ? 8.971   -6.693  -0.596  1.00 39.70 ? 661 GLY A CA  1 
ATOM   421 C C   . GLY A 1 56  ? 8.658   -5.203  -0.638  1.00 39.94 ? 661 GLY A C   1 
ATOM   422 O O   . GLY A 1 56  ? 8.753   -4.588  -1.704  1.00 40.16 ? 661 GLY A O   1 
ATOM   423 N N   . LEU A 1 57  ? 8.277   -4.625  0.508   1.00 39.89 ? 662 LEU A N   1 
ATOM   424 C CA  . LEU A 1 57  ? 7.888   -3.209  0.577   1.00 40.08 ? 662 LEU A CA  1 
ATOM   425 C C   . LEU A 1 57  ? 9.149   -2.360  0.626   1.00 40.91 ? 662 LEU A C   1 
ATOM   426 O O   . LEU A 1 57  ? 10.044  -2.622  1.428   1.00 40.47 ? 662 LEU A O   1 
ATOM   427 C CB  . LEU A 1 57  ? 7.002   -2.934  1.802   1.00 39.49 ? 662 LEU A CB  1 
ATOM   428 C CG  . LEU A 1 57  ? 6.288   -1.573  1.913   1.00 38.81 ? 662 LEU A CG  1 
ATOM   429 C CD1 . LEU A 1 57  ? 5.225   -1.399  0.854   1.00 34.85 ? 662 LEU A CD1 1 
ATOM   430 C CD2 . LEU A 1 57  ? 5.660   -1.388  3.294   1.00 36.41 ? 662 LEU A CD2 1 
ATOM   431 N N   . GLN A 1 58  ? 9.210   -1.347  -0.240  1.00 42.12 ? 663 GLN A N   1 
ATOM   432 C CA  . GLN A 1 58  ? 10.398  -0.507  -0.388  1.00 42.98 ? 663 GLN A CA  1 
ATOM   433 C C   . GLN A 1 58  ? 10.097  0.960   -0.099  1.00 42.65 ? 663 GLN A C   1 
ATOM   434 O O   . GLN A 1 58  ? 9.050   1.491   -0.508  1.00 42.24 ? 663 GLN A O   1 
ATOM   435 C CB  . GLN A 1 58  ? 10.957  -0.662  -1.807  1.00 43.92 ? 663 GLN A CB  1 
ATOM   436 C CG  . GLN A 1 58  ? 11.822  -1.942  -1.988  1.00 47.30 ? 663 GLN A CG  1 
ATOM   437 C CD  . GLN A 1 58  ? 11.582  -2.656  -3.324  1.00 52.02 ? 663 GLN A CD  1 
ATOM   438 O OE1 . GLN A 1 58  ? 11.431  -2.015  -4.369  1.00 53.88 ? 663 GLN A OE1 1 
ATOM   439 N NE2 . GLN A 1 58  ? 11.548  -4.002  -3.287  1.00 54.52 ? 663 GLN A NE2 1 
ATOM   440 N N   . VAL A 1 59  ? 11.025  1.592   0.628   1.00 42.50 ? 664 VAL A N   1 
ATOM   441 C CA  A VAL A 1 59  ? 10.961  3.017   0.960   0.50 42.47 ? 664 VAL A CA  1 
ATOM   442 C CA  B VAL A 1 59  ? 10.928  3.008   0.966   0.50 42.45 ? 664 VAL A CA  1 
ATOM   443 C C   . VAL A 1 59  ? 10.733  3.863   -0.300  1.00 42.31 ? 664 VAL A C   1 
ATOM   444 O O   . VAL A 1 59  ? 11.303  3.579   -1.353  1.00 41.94 ? 664 VAL A O   1 
ATOM   445 C CB  A VAL A 1 59  ? 12.278  3.492   1.644   0.50 42.54 ? 664 VAL A CB  1 
ATOM   446 C CB  B VAL A 1 59  ? 12.174  3.502   1.773   0.50 42.49 ? 664 VAL A CB  1 
ATOM   447 C CG1 A VAL A 1 59  ? 13.429  3.490   0.636   0.50 43.29 ? 664 VAL A CG1 1 
ATOM   448 C CG1 B VAL A 1 59  ? 12.004  3.217   3.254   0.50 42.37 ? 664 VAL A CG1 1 
ATOM   449 C CG2 A VAL A 1 59  ? 12.117  4.884   2.260   0.50 42.67 ? 664 VAL A CG2 1 
ATOM   450 C CG2 B VAL A 1 59  ? 13.458  2.864   1.252   0.50 43.35 ? 664 VAL A CG2 1 
ATOM   451 N N   . GLY A 1 60  ? 9.891   4.890   -0.186  1.00 42.17 ? 665 GLY A N   1 
ATOM   452 C CA  . GLY A 1 60  ? 9.639   5.840   -1.295  1.00 42.11 ? 665 GLY A CA  1 
ATOM   453 C C   . GLY A 1 60  ? 8.582   5.474   -2.336  1.00 41.75 ? 665 GLY A C   1 
ATOM   454 O O   . GLY A 1 60  ? 8.226   6.318   -3.173  1.00 42.16 ? 665 GLY A O   1 
ATOM   455 N N   . ARG A 1 61  ? 8.091   4.232   -2.314  1.00 40.84 ? 666 ARG A N   1 
ATOM   456 C CA  . ARG A 1 61  ? 7.048   3.798   -3.245  1.00 40.04 ? 666 ARG A CA  1 
ATOM   457 C C   . ARG A 1 61  ? 5.691   4.285   -2.802  1.00 39.09 ? 666 ARG A C   1 
ATOM   458 O O   . ARG A 1 61  ? 5.406   4.354   -1.613  1.00 39.74 ? 666 ARG A O   1 
ATOM   459 C CB  . ARG A 1 61  ? 7.010   2.267   -3.353  1.00 40.07 ? 666 ARG A CB  1 
ATOM   460 C CG  . ARG A 1 61  ? 8.323   1.620   -3.809  1.00 41.10 ? 666 ARG A CG  1 
ATOM   461 C CD  . ARG A 1 61  ? 8.632   1.908   -5.282  1.00 43.48 ? 666 ARG A CD  1 
ATOM   462 N NE  . ARG A 1 61  ? 9.919   1.339   -5.680  1.00 45.85 ? 666 ARG A NE  1 
ATOM   463 C CZ  . ARG A 1 61  ? 10.118  0.066   -6.034  1.00 48.81 ? 666 ARG A CZ  1 
ATOM   464 N NH1 . ARG A 1 61  ? 11.344  -0.337  -6.367  1.00 50.27 ? 666 ARG A NH1 1 
ATOM   465 N NH2 . ARG A 1 61  ? 9.112   -0.815  -6.056  1.00 49.28 ? 666 ARG A NH2 1 
ATOM   466 N N   . LYS A 1 62  ? 4.837   4.605   -3.763  1.00 38.13 ? 667 LYS A N   1 
ATOM   467 C CA  . LYS A 1 62  ? 3.477   4.980   -3.461  1.00 37.31 ? 667 LYS A CA  1 
ATOM   468 C C   . LYS A 1 62  ? 2.651   3.748   -3.109  1.00 36.55 ? 667 LYS A C   1 
ATOM   469 O O   . LYS A 1 62  ? 2.911   2.642   -3.594  1.00 36.41 ? 667 LYS A O   1 
ATOM   470 C CB  . LYS A 1 62  ? 2.838   5.685   -4.639  1.00 37.68 ? 667 LYS A CB  1 
ATOM   471 C CG  . LYS A 1 62  ? 3.523   6.974   -5.091  1.00 38.57 ? 667 LYS A CG  1 
ATOM   472 C CD  . LYS A 1 62  ? 2.891   7.399   -6.410  1.00 40.88 ? 667 LYS A CD  1 
ATOM   473 C CE  . LYS A 1 62  ? 3.467   8.701   -6.943  1.00 43.56 ? 667 LYS A CE  1 
ATOM   474 N NZ  . LYS A 1 62  ? 2.859   9.048   -8.268  1.00 46.12 ? 667 LYS A NZ  1 
ATOM   475 N N   . ILE A 1 63  ? 1.683   3.954   -2.232  1.00 35.29 ? 668 ILE A N   1 
ATOM   476 C CA  . ILE A 1 63  ? 0.702   2.959   -1.883  1.00 34.85 ? 668 ILE A CA  1 
ATOM   477 C C   . ILE A 1 63  ? -0.541  3.467   -2.544  1.00 34.66 ? 668 ILE A C   1 
ATOM   478 O O   . ILE A 1 63  ? -0.970  4.593   -2.267  1.00 34.94 ? 668 ILE A O   1 
ATOM   479 C CB  . ILE A 1 63  ? 0.466   2.872   -0.333  1.00 34.67 ? 668 ILE A CB  1 
ATOM   480 C CG1 . ILE A 1 63  ? 1.708   2.316   0.349   1.00 34.83 ? 668 ILE A CG1 1 
ATOM   481 C CG2 . ILE A 1 63  ? -0.749  2.001   0.010   1.00 31.91 ? 668 ILE A CG2 1 
ATOM   482 C CD1 . ILE A 1 63  ? 1.591   2.271   1.883   1.00 34.84 ? 668 ILE A CD1 1 
ATOM   483 N N   . TYR A 1 64  ? -1.102  2.655   -3.425  1.00 34.02 ? 669 TYR A N   1 
ATOM   484 C CA  . TYR A 1 64  ? -2.267  3.030   -4.188  1.00 33.67 ? 669 TYR A CA  1 
ATOM   485 C C   . TYR A 1 64  ? -3.576  2.562   -3.532  1.00 33.66 ? 669 TYR A C   1 
ATOM   486 O O   . TYR A 1 64  ? -4.627  3.199   -3.698  1.00 33.93 ? 669 TYR A O   1 
ATOM   487 C CB  . TYR A 1 64  ? -2.166  2.448   -5.594  1.00 33.43 ? 669 TYR A CB  1 
ATOM   488 C CG  . TYR A 1 64  ? -1.072  3.053   -6.465  1.00 32.05 ? 669 TYR A CG  1 
ATOM   489 C CD1 . TYR A 1 64  ? -0.885  4.452   -6.555  1.00 32.13 ? 669 TYR A CD1 1 
ATOM   490 C CD2 . TYR A 1 64  ? -0.269  2.250   -7.232  1.00 30.06 ? 669 TYR A CD2 1 
ATOM   491 C CE1 . TYR A 1 64  ? 0.099   5.004   -7.383  1.00 32.00 ? 669 TYR A CE1 1 
ATOM   492 C CE2 . TYR A 1 64  ? 0.725   2.807   -8.062  1.00 32.46 ? 669 TYR A CE2 1 
ATOM   493 C CZ  . TYR A 1 64  ? 0.899   4.165   -8.132  1.00 30.61 ? 669 TYR A CZ  1 
ATOM   494 O OH  . TYR A 1 64  ? 1.885   4.659   -8.945  1.00 32.35 ? 669 TYR A OH  1 
ATOM   495 N N   . SER A 1 65  ? -3.533  1.451   -2.812  1.00 33.60 ? 670 SER A N   1 
ATOM   496 C CA  . SER A 1 65  ? -4.712  1.017   -2.045  1.00 33.52 ? 670 SER A CA  1 
ATOM   497 C C   . SER A 1 65  ? -4.304  0.173   -0.862  1.00 34.05 ? 670 SER A C   1 
ATOM   498 O O   . SER A 1 65  ? -3.270  -0.465  -0.885  1.00 34.28 ? 670 SER A O   1 
ATOM   499 C CB  . SER A 1 65  ? -5.704  0.250   -2.934  1.00 33.14 ? 670 SER A CB  1 
ATOM   500 O OG  . SER A 1 65  ? -5.239  -1.043  -3.210  1.00 31.33 ? 670 SER A OG  1 
ATOM   501 N N   . ILE A 1 66  ? -5.122  0.233   0.183   1.00 35.16 ? 671 ILE A N   1 
ATOM   502 C CA  . ILE A 1 66  ? -4.972  -0.545  1.399   1.00 35.81 ? 671 ILE A CA  1 
ATOM   503 C C   . ILE A 1 66  ? -6.259  -1.377  1.502   1.00 36.47 ? 671 ILE A C   1 
ATOM   504 O O   . ILE A 1 66  ? -7.340  -0.812  1.611   1.00 36.03 ? 671 ILE A O   1 
ATOM   505 C CB  . ILE A 1 66  ? -4.916  0.371   2.640   1.00 36.43 ? 671 ILE A CB  1 
ATOM   506 C CG1 . ILE A 1 66  ? -3.758  1.360   2.562   1.00 37.13 ? 671 ILE A CG1 1 
ATOM   507 C CG2 . ILE A 1 66  ? -4.823  -0.449  3.925   1.00 35.61 ? 671 ILE A CG2 1 
ATOM   508 C CD1 . ILE A 1 66  ? -3.816  2.401   3.646   1.00 38.84 ? 671 ILE A CD1 1 
ATOM   509 N N   . ASN A 1 67  ? -6.133  -2.700  1.445   1.00 37.02 ? 672 ASN A N   1 
ATOM   510 C CA  . ASN A 1 67  ? -7.272  -3.620  1.487   1.00 37.56 ? 672 ASN A CA  1 
ATOM   511 C C   . ASN A 1 67  ? -8.346  -3.328  0.431   1.00 38.23 ? 672 ASN A C   1 
ATOM   512 O O   . ASN A 1 67  ? -9.528  -3.567  0.652   1.00 38.76 ? 672 ASN A O   1 
ATOM   513 C CB  . ASN A 1 67  ? -7.867  -3.673  2.908   1.00 37.66 ? 672 ASN A CB  1 
ATOM   514 C CG  . ASN A 1 67  ? -6.852  -4.174  3.949   1.00 37.77 ? 672 ASN A CG  1 
ATOM   515 O OD1 . ASN A 1 67  ? -5.999  -5.005  3.650   1.00 36.08 ? 672 ASN A OD1 1 
ATOM   516 N ND2 . ASN A 1 67  ? -6.944  -3.664  5.158   1.00 38.24 ? 672 ASN A ND2 1 
ATOM   517 N N   . GLU A 1 68  ? -7.910  -2.855  -0.734  1.00 39.05 ? 673 GLU A N   1 
ATOM   518 C CA  . GLU A 1 68  ? -8.791  -2.593  -1.898  1.00 39.39 ? 673 GLU A CA  1 
ATOM   519 C C   . GLU A 1 68  ? -9.682  -1.378  -1.718  1.00 39.56 ? 673 GLU A C   1 
ATOM   520 O O   . GLU A 1 68  ? -10.736 -1.247  -2.355  1.00 39.77 ? 673 GLU A O   1 
ATOM   521 C CB  . GLU A 1 68  ? -9.586  -3.836  -2.299  1.00 39.69 ? 673 GLU A CB  1 
ATOM   522 C CG  . GLU A 1 68  ? -8.658  -4.977  -2.753  1.00 41.51 ? 673 GLU A CG  1 
ATOM   523 C CD  . GLU A 1 68  ? -9.392  -6.267  -3.160  1.00 43.31 ? 673 GLU A CD  1 
ATOM   524 O OE1 . GLU A 1 68  ? -10.627 -6.216  -3.363  1.00 42.73 ? 673 GLU A OE1 1 
ATOM   525 O OE2 . GLU A 1 68  ? -8.705  -7.322  -3.296  1.00 44.21 ? 673 GLU A OE2 1 
ATOM   526 N N   . ASP A 1 69  ? -9.241  -0.488  -0.836  1.00 39.59 ? 674 ASP A N   1 
ATOM   527 C CA  A ASP A 1 69  ? -9.815  0.829   -0.724  0.50 39.42 ? 674 ASP A CA  1 
ATOM   528 C CA  B ASP A 1 69  ? -9.796  0.844   -0.721  0.50 39.56 ? 674 ASP A CA  1 
ATOM   529 C C   . ASP A 1 69  ? -8.749  1.802   -1.257  1.00 39.50 ? 674 ASP A C   1 
ATOM   530 O O   . ASP A 1 69  ? -7.642  1.874   -0.729  1.00 38.82 ? 674 ASP A O   1 
ATOM   531 C CB  A ASP A 1 69  ? -10.220 1.118   0.735   0.50 39.53 ? 674 ASP A CB  1 
ATOM   532 C CB  B ASP A 1 69  ? -10.100 1.185   0.735   0.50 39.77 ? 674 ASP A CB  1 
ATOM   533 C CG  A ASP A 1 69  ? -11.301 0.131   1.269   0.50 39.77 ? 674 ASP A CG  1 
ATOM   534 C CG  B ASP A 1 69  ? -10.510 2.630   0.916   0.50 40.56 ? 674 ASP A CG  1 
ATOM   535 O OD1 A ASP A 1 69  ? -12.067 -0.429  0.451   0.50 40.20 ? 674 ASP A OD1 1 
ATOM   536 O OD1 B ASP A 1 69  ? -11.605 3.013   0.425   0.50 42.52 ? 674 ASP A OD1 1 
ATOM   537 O OD2 A ASP A 1 69  ? -11.376 -0.092  2.502   0.50 38.69 ? 674 ASP A OD2 1 
ATOM   538 O OD2 B ASP A 1 69  ? -9.728  3.390   1.532   0.50 40.56 ? 674 ASP A OD2 1 
ATOM   539 N N   . LEU A 1 70  ? -9.086  2.530   -2.320  1.00 39.40 ? 675 LEU A N   1 
ATOM   540 C CA  . LEU A 1 70  ? -8.146  3.457   -2.938  1.00 39.45 ? 675 LEU A CA  1 
ATOM   541 C C   . LEU A 1 70  ? -7.768  4.606   -2.004  1.00 40.59 ? 675 LEU A C   1 
ATOM   542 O O   . LEU A 1 70  ? -8.614  5.196   -1.361  1.00 41.62 ? 675 LEU A O   1 
ATOM   543 C CB  . LEU A 1 70  ? -8.731  4.022   -4.232  1.00 39.09 ? 675 LEU A CB  1 
ATOM   544 C CG  . LEU A 1 70  ? -8.771  3.090   -5.460  1.00 37.87 ? 675 LEU A CG  1 
ATOM   545 C CD1 . LEU A 1 70  ? -9.659  3.682   -6.528  1.00 37.68 ? 675 LEU A CD1 1 
ATOM   546 C CD2 . LEU A 1 70  ? -7.360  2.848   -6.018  1.00 34.73 ? 675 LEU A CD2 1 
ATOM   547 N N   . VAL A 1 71  ? -6.486  4.938   -1.970  1.00 41.62 ? 676 VAL A N   1 
ATOM   548 C CA  . VAL A 1 71  ? -5.965  5.982   -1.098  1.00 42.57 ? 676 VAL A CA  1 
ATOM   549 C C   . VAL A 1 71  ? -6.239  7.415   -1.580  1.00 43.55 ? 676 VAL A C   1 
ATOM   550 O O   . VAL A 1 71  ? -6.482  8.314   -0.758  1.00 43.16 ? 676 VAL A O   1 
ATOM   551 C CB  . VAL A 1 71  ? -4.447  5.808   -0.944  1.00 42.68 ? 676 VAL A CB  1 
ATOM   552 C CG1 . VAL A 1 71  ? -3.825  7.035   -0.373  1.00 43.71 ? 676 VAL A CG1 1 
ATOM   553 C CG2 . VAL A 1 71  ? -4.152  4.591   -0.069  1.00 42.86 ? 676 VAL A CG2 1 
ATOM   554 N N   . PHE A 1 72  ? -6.200  7.643   -2.898  1.00 44.46 ? 677 PHE A N   1 
ATOM   555 C CA  . PHE A 1 72  ? -6.252  9.015   -3.416  1.00 45.15 ? 677 PHE A CA  1 
ATOM   556 C C   . PHE A 1 72  ? -7.592  9.715   -3.110  1.00 46.12 ? 677 PHE A C   1 
ATOM   557 O O   . PHE A 1 72  ? -7.662  10.942  -3.050  1.00 46.71 ? 677 PHE A O   1 
ATOM   558 C CB  . PHE A 1 72  ? -5.905  9.064   -4.920  1.00 45.08 ? 677 PHE A CB  1 
ATOM   559 C CG  . PHE A 1 72  ? -7.066  8.784   -5.846  1.00 43.90 ? 677 PHE A CG  1 
ATOM   560 C CD1 . PHE A 1 72  ? -7.933  9.806   -6.226  1.00 44.51 ? 677 PHE A CD1 1 
ATOM   561 C CD2 . PHE A 1 72  ? -7.256  7.515   -6.387  1.00 43.70 ? 677 PHE A CD2 1 
ATOM   562 C CE1 . PHE A 1 72  ? -8.991  9.564   -7.102  1.00 44.26 ? 677 PHE A CE1 1 
ATOM   563 C CE2 . PHE A 1 72  ? -8.310  7.252   -7.269  1.00 43.61 ? 677 PHE A CE2 1 
ATOM   564 C CZ  . PHE A 1 72  ? -9.182  8.271   -7.625  1.00 44.41 ? 677 PHE A CZ  1 
ATOM   565 N N   . LEU A 1 73  ? -8.640  8.931   -2.895  1.00 47.04 ? 678 LEU A N   1 
ATOM   566 C CA  . LEU A 1 73  ? -9.965  9.467   -2.577  1.00 47.68 ? 678 LEU A CA  1 
ATOM   567 C C   . LEU A 1 73  ? -10.104 9.968   -1.117  1.00 47.95 ? 678 LEU A C   1 
ATOM   568 O O   . LEU A 1 73  ? -11.166 10.479  -0.747  1.00 48.47 ? 678 LEU A O   1 
ATOM   569 C CB  . LEU A 1 73  ? -11.031 8.380   -2.830  1.00 47.88 ? 678 LEU A CB  1 
ATOM   570 C CG  . LEU A 1 73  ? -11.258 7.925   -4.281  1.00 48.88 ? 678 LEU A CG  1 
ATOM   571 C CD1 . LEU A 1 73  ? -12.115 6.653   -4.335  1.00 47.86 ? 678 LEU A CD1 1 
ATOM   572 C CD2 . LEU A 1 73  ? -11.910 9.067   -5.107  1.00 49.10 ? 678 LEU A CD2 1 
ATOM   573 N N   . ARG A 1 74  ? -9.059  9.821   -0.297  1.00 47.80 ? 679 ARG A N   1 
ATOM   574 C CA  . ARG A 1 74  ? -9.147  10.118  1.137   1.00 47.72 ? 679 ARG A CA  1 
ATOM   575 C C   . ARG A 1 74  ? -8.078  11.094  1.627   1.00 47.51 ? 679 ARG A C   1 
ATOM   576 O O   . ARG A 1 74  ? -6.985  11.142  1.078   1.00 47.21 ? 679 ARG A O   1 
ATOM   577 C CB  . ARG A 1 74  ? -8.989  8.832   1.933   1.00 47.91 ? 679 ARG A CB  1 
ATOM   578 C CG  . ARG A 1 74  ? -10.112 7.856   1.758   1.00 48.39 ? 679 ARG A CG  1 
ATOM   579 C CD  . ARG A 1 74  ? -9.964  6.724   2.752   1.00 49.69 ? 679 ARG A CD  1 
ATOM   580 N NE  . ARG A 1 74  ? -10.970 5.684   2.544   1.00 51.20 ? 679 ARG A NE  1 
ATOM   581 C CZ  . ARG A 1 74  ? -12.104 5.554   3.235   1.00 51.71 ? 679 ARG A CZ  1 
ATOM   582 N NH1 . ARG A 1 74  ? -12.425 6.406   4.216   1.00 52.16 ? 679 ARG A NH1 1 
ATOM   583 N NH2 . ARG A 1 74  ? -12.925 4.552   2.937   1.00 51.14 ? 679 ARG A NH2 1 
ATOM   584 N N   . PRO A 1 75  ? -8.383  11.858  2.693   1.00 47.13 ? 680 PRO A N   1 
ATOM   585 C CA  . PRO A 1 75  ? -7.313  12.624  3.315   1.00 46.71 ? 680 PRO A CA  1 
ATOM   586 C C   . PRO A 1 75  ? -6.298  11.726  3.991   1.00 45.96 ? 680 PRO A C   1 
ATOM   587 O O   . PRO A 1 75  ? -6.638  10.634  4.466   1.00 45.52 ? 680 PRO A O   1 
ATOM   588 C CB  . PRO A 1 75  ? -8.043  13.497  4.354   1.00 47.21 ? 680 PRO A CB  1 
ATOM   589 C CG  . PRO A 1 75  ? -9.356  12.810  4.590   1.00 47.83 ? 680 PRO A CG  1 
ATOM   590 C CD  . PRO A 1 75  ? -9.703  12.206  3.248   1.00 47.55 ? 680 PRO A CD  1 
ATOM   591 N N   . PHE A 1 76  ? -5.059  12.188  4.033   1.00 45.14 ? 681 PHE A N   1 
ATOM   592 C CA  . PHE A 1 76  ? -3.988  11.435  4.661   1.00 45.15 ? 681 PHE A CA  1 
ATOM   593 C C   . PHE A 1 76  ? -4.364  10.922  6.063   1.00 44.97 ? 681 PHE A C   1 
ATOM   594 O O   . PHE A 1 76  ? -4.038  9.785   6.421   1.00 44.92 ? 681 PHE A O   1 
ATOM   595 C CB  . PHE A 1 76  ? -2.721  12.285  4.734   1.00 45.14 ? 681 PHE A CB  1 
ATOM   596 C CG  . PHE A 1 76  ? -1.526  11.546  5.275   1.00 45.16 ? 681 PHE A CG  1 
ATOM   597 C CD1 . PHE A 1 76  ? -1.010  10.454  4.599   1.00 45.57 ? 681 PHE A CD1 1 
ATOM   598 C CD2 . PHE A 1 76  ? -0.923  11.945  6.458   1.00 45.13 ? 681 PHE A CD2 1 
ATOM   599 C CE1 . PHE A 1 76  ? 0.103   9.765   5.092   1.00 46.50 ? 681 PHE A CE1 1 
ATOM   600 C CE2 . PHE A 1 76  ? 0.182   11.269  6.955   1.00 46.13 ? 681 PHE A CE2 1 
ATOM   601 C CZ  . PHE A 1 76  ? 0.702   10.172  6.267   1.00 46.00 ? 681 PHE A CZ  1 
ATOM   602 N N   . SER A 1 77  ? -5.069  11.751  6.833   1.00 44.59 ? 682 SER A N   1 
ATOM   603 C CA  . SER A 1 77  ? -5.433  11.415  8.214   1.00 44.22 ? 682 SER A CA  1 
ATOM   604 C C   . SER A 1 77  ? -6.336  10.181  8.290   1.00 43.51 ? 682 SER A C   1 
ATOM   605 O O   . SER A 1 77  ? -6.191  9.361   9.193   1.00 43.59 ? 682 SER A O   1 
ATOM   606 C CB  . SER A 1 77  ? -6.091  12.634  8.913   1.00 44.51 ? 682 SER A CB  1 
ATOM   607 O OG  . SER A 1 77  ? -7.293  13.034  8.265   1.00 44.43 ? 682 SER A OG  1 
ATOM   608 N N   . GLU A 1 78  ? -7.262  10.049  7.347   1.00 43.15 ? 683 GLU A N   1 
ATOM   609 C CA  . GLU A 1 78  ? -8.089  8.837   7.254   1.00 43.19 ? 683 GLU A CA  1 
ATOM   610 C C   . GLU A 1 78  ? -7.286  7.592   6.879   1.00 42.10 ? 683 GLU A C   1 
ATOM   611 O O   . GLU A 1 78  ? -7.588  6.512   7.342   1.00 42.51 ? 683 GLU A O   1 
ATOM   612 C CB  . GLU A 1 78  ? -9.219  9.020   6.258   1.00 43.73 ? 683 GLU A CB  1 
ATOM   613 C CG  . GLU A 1 78  ? -10.341 9.881   6.778   1.00 46.30 ? 683 GLU A CG  1 
ATOM   614 C CD  . GLU A 1 78  ? -11.445 10.105  5.757   1.00 48.38 ? 683 GLU A CD  1 
ATOM   615 O OE1 . GLU A 1 78  ? -11.606 9.258   4.844   1.00 50.57 ? 683 GLU A OE1 1 
ATOM   616 O OE2 . GLU A 1 78  ? -12.150 11.130  5.882   1.00 49.68 ? 683 GLU A OE2 1 
ATOM   617 N N   . VAL A 1 79  ? -6.259  7.750   6.055   1.00 41.26 ? 684 VAL A N   1 
ATOM   618 C CA  . VAL A 1 79  ? -5.393  6.632   5.659   1.00 40.08 ? 684 VAL A CA  1 
ATOM   619 C C   . VAL A 1 79  ? -4.600  6.108   6.853   1.00 39.58 ? 684 VAL A C   1 
ATOM   620 O O   . VAL A 1 79  ? -4.494  4.902   7.037   1.00 38.24 ? 684 VAL A O   1 
ATOM   621 C CB  . VAL A 1 79  ? -4.445  7.026   4.489   1.00 40.04 ? 684 VAL A CB  1 
ATOM   622 C CG1 . VAL A 1 79  ? -3.384  5.935   4.230   1.00 39.30 ? 684 VAL A CG1 1 
ATOM   623 C CG2 . VAL A 1 79  ? -5.269  7.296   3.234   1.00 39.40 ? 684 VAL A CG2 1 
ATOM   624 N N   . GLU A 1 80  ? -4.078  7.015   7.682   1.00 39.88 ? 685 GLU A N   1 
ATOM   625 C CA  . GLU A 1 80  ? -3.373  6.609   8.918   1.00 40.02 ? 685 GLU A CA  1 
ATOM   626 C C   . GLU A 1 80  ? -4.315  5.839   9.856   1.00 39.08 ? 685 GLU A C   1 
ATOM   627 O O   . GLU A 1 80  ? -3.948  4.811   10.365  1.00 39.18 ? 685 GLU A O   1 
ATOM   628 C CB  . GLU A 1 80  ? -2.777  7.814   9.654   1.00 40.40 ? 685 GLU A CB  1 
ATOM   629 C CG  . GLU A 1 80  ? -1.755  8.611   8.866   1.00 43.12 ? 685 GLU A CG  1 
ATOM   630 C CD  . GLU A 1 80  ? -1.135  9.765   9.694   1.00 46.90 ? 685 GLU A CD  1 
ATOM   631 O OE1 . GLU A 1 80  ? -1.805  10.818  9.886   1.00 46.49 ? 685 GLU A OE1 1 
ATOM   632 O OE2 . GLU A 1 80  ? 0.026   9.599   10.150  1.00 49.55 ? 685 GLU A OE2 1 
ATOM   633 N N   . SER A 1 81  ? -5.533  6.339   10.058  1.00 38.86 ? 686 SER A N   1 
ATOM   634 C CA  . SER A 1 81  ? -6.549  5.646   10.890  1.00 38.95 ? 686 SER A CA  1 
ATOM   635 C C   . SER A 1 81  ? -6.899  4.263   10.340  1.00 38.32 ? 686 SER A C   1 
ATOM   636 O O   . SER A 1 81  ? -7.086  3.318   11.102  1.00 37.75 ? 686 SER A O   1 
ATOM   637 C CB  . SER A 1 81  ? -7.837  6.469   10.982  1.00 39.29 ? 686 SER A CB  1 
ATOM   638 O OG  . SER A 1 81  ? -7.562  7.783   11.399  1.00 40.49 ? 686 SER A OG  1 
ATOM   639 N N   . ILE A 1 82  ? -6.991  4.153   9.009   1.00 38.02 ? 687 ILE A N   1 
ATOM   640 C CA  . ILE A 1 82  ? -7.241  2.855   8.361   1.00 37.13 ? 687 ILE A CA  1 
ATOM   641 C C   . ILE A 1 82  ? -6.138  1.860   8.706   1.00 37.02 ? 687 ILE A C   1 
ATOM   642 O O   . ILE A 1 82  ? -6.417  0.701   9.066   1.00 35.97 ? 687 ILE A O   1 
ATOM   643 C CB  . ILE A 1 82  ? -7.369  3.006   6.853   1.00 37.13 ? 687 ILE A CB  1 
ATOM   644 C CG1 . ILE A 1 82  ? -8.687  3.702   6.517   1.00 38.15 ? 687 ILE A CG1 1 
ATOM   645 C CG2 . ILE A 1 82  ? -7.323  1.649   6.165   1.00 35.51 ? 687 ILE A CG2 1 
ATOM   646 C CD1 . ILE A 1 82  ? -8.848  4.019   5.021   1.00 39.46 ? 687 ILE A CD1 1 
ATOM   647 N N   . LEU A 1 83  ? -4.892  2.319   8.622   1.00 37.24 ? 688 LEU A N   1 
ATOM   648 C CA  . LEU A 1 83  ? -3.736  1.464   8.951   1.00 37.95 ? 688 LEU A CA  1 
ATOM   649 C C   . LEU A 1 83  ? -3.730  1.071   10.411  1.00 38.17 ? 688 LEU A C   1 
ATOM   650 O O   . LEU A 1 83  ? -3.524  -0.109  10.740  1.00 38.11 ? 688 LEU A O   1 
ATOM   651 C CB  . LEU A 1 83  ? -2.405  2.150   8.623   1.00 38.20 ? 688 LEU A CB  1 
ATOM   652 C CG  . LEU A 1 83  ? -1.936  2.028   7.181   1.00 39.76 ? 688 LEU A CG  1 
ATOM   653 C CD1 . LEU A 1 83  ? -0.552  2.670   7.005   1.00 40.93 ? 688 LEU A CD1 1 
ATOM   654 C CD2 . LEU A 1 83  ? -1.895  0.578   6.779   1.00 41.37 ? 688 LEU A CD2 1 
ATOM   655 N N   . ASN A 1 84  ? -3.934  2.060   11.290  1.00 38.48 ? 689 ASN A N   1 
ATOM   656 C CA  . ASN A 1 84  ? -3.971  1.800   12.737  1.00 38.92 ? 689 ASN A CA  1 
ATOM   657 C C   . ASN A 1 84  ? -5.098  0.873   13.087  1.00 38.09 ? 689 ASN A C   1 
ATOM   658 O O   . ASN A 1 84  ? -4.923  -0.037  13.898  1.00 37.94 ? 689 ASN A O   1 
ATOM   659 C CB  . ASN A 1 84  ? -4.088  3.097   13.550  1.00 39.44 ? 689 ASN A CB  1 
ATOM   660 C CG  . ASN A 1 84  ? -2.778  3.880   13.585  1.00 42.71 ? 689 ASN A CG  1 
ATOM   661 O OD1 . ASN A 1 84  ? -1.696  3.324   13.307  1.00 46.79 ? 689 ASN A OD1 1 
ATOM   662 N ND2 . ASN A 1 84  ? -2.857  5.167   13.952  1.00 44.04 ? 689 ASN A ND2 1 
ATOM   663 N N   . GLN A 1 85  ? -6.250  1.090   12.473  1.00 37.53 ? 690 GLN A N   1 
ATOM   664 C CA  . GLN A 1 85  ? -7.403  0.243   12.740  1.00 37.80 ? 690 GLN A CA  1 
ATOM   665 C C   . GLN A 1 85  ? -7.146  -1.182  12.312  1.00 38.22 ? 690 GLN A C   1 
ATOM   666 O O   . GLN A 1 85  ? -7.467  -2.131  13.039  1.00 38.61 ? 690 GLN A O   1 
ATOM   667 C CB  . GLN A 1 85  ? -8.650  0.765   12.039  1.00 37.53 ? 690 GLN A CB  1 
ATOM   668 C CG  . GLN A 1 85  ? -9.851  -0.166  12.201  1.00 37.36 ? 690 GLN A CG  1 
ATOM   669 C CD  . GLN A 1 85  ? -11.149 0.475   11.783  1.00 37.20 ? 690 GLN A CD  1 
ATOM   670 O OE1 . GLN A 1 85  ? -11.653 1.370   12.462  1.00 34.77 ? 690 GLN A OE1 1 
ATOM   671 N NE2 . GLN A 1 85  ? -11.711 0.012   10.663  1.00 37.37 ? 690 GLN A NE2 1 
ATOM   672 N N   . SER A 1 86  ? -6.572  -1.338  11.125  1.00 38.63 ? 691 SER A N   1 
ATOM   673 C CA  . SER A 1 86  ? -6.241  -2.661  10.616  1.00 38.72 ? 691 SER A CA  1 
ATOM   674 C C   . SER A 1 86  ? -5.315  -3.355  11.589  1.00 38.97 ? 691 SER A C   1 
ATOM   675 O O   . SER A 1 86  ? -5.489  -4.548  11.883  1.00 38.97 ? 691 SER A O   1 
ATOM   676 C CB  . SER A 1 86  ? -5.586  -2.570  9.244   1.00 38.42 ? 691 SER A CB  1 
ATOM   677 O OG  . SER A 1 86  ? -5.321  -3.864  8.732   1.00 39.36 ? 691 SER A OG  1 
ATOM   678 N N   . PHE A 1 87  ? -4.329  -2.622  12.098  1.00 39.35 ? 692 PHE A N   1 
ATOM   679 C CA  . PHE A 1 87  ? -3.378  -3.219  13.030  1.00 39.55 ? 692 PHE A CA  1 
ATOM   680 C C   . PHE A 1 87  ? -4.039  -3.625  14.354  1.00 39.84 ? 692 PHE A C   1 
ATOM   681 O O   . PHE A 1 87  ? -3.817  -4.736  14.835  1.00 39.65 ? 692 PHE A O   1 
ATOM   682 C CB  . PHE A 1 87  ? -2.200  -2.295  13.327  1.00 39.44 ? 692 PHE A CB  1 
ATOM   683 C CG  . PHE A 1 87  ? -1.264  -2.865  14.345  1.00 40.75 ? 692 PHE A CG  1 
ATOM   684 C CD1 . PHE A 1 87  ? -0.440  -3.927  14.014  1.00 40.84 ? 692 PHE A CD1 1 
ATOM   685 C CD2 . PHE A 1 87  ? -1.259  -2.384  15.659  1.00 42.35 ? 692 PHE A CD2 1 
ATOM   686 C CE1 . PHE A 1 87  ? 0.412   -4.486  14.950  1.00 41.79 ? 692 PHE A CE1 1 
ATOM   687 C CE2 . PHE A 1 87  ? -0.420  -2.935  16.604  1.00 42.28 ? 692 PHE A CE2 1 
ATOM   688 C CZ  . PHE A 1 87  ? 0.423   -4.003  16.245  1.00 42.80 ? 692 PHE A CZ  1 
ATOM   689 N N   . CYS A 1 88  ? -4.847  -2.738  14.941  1.00 40.22 ? 693 CYS A N   1 
ATOM   690 C CA  . CYS A 1 88  ? -5.460  -3.041  16.238  1.00 40.92 ? 693 CYS A CA  1 
ATOM   691 C C   . CYS A 1 88  ? -6.290  -4.324  16.128  1.00 40.57 ? 693 CYS A C   1 
ATOM   692 O O   . CYS A 1 88  ? -6.394  -5.088  17.091  1.00 40.51 ? 693 CYS A O   1 
ATOM   693 C CB  . CYS A 1 88  ? -6.323  -1.881  16.744  1.00 41.04 ? 693 CYS A CB  1 
ATOM   694 S SG  . CYS A 1 88  ? -5.462  -0.328  17.078  1.00 44.87 ? 693 CYS A SG  1 
ATOM   695 N N   . SER A 1 89  ? -6.848  -4.567  14.940  1.00 40.61 ? 694 SER A N   1 
ATOM   696 C CA  . SER A 1 89  ? -7.637  -5.777  14.659  1.00 41.06 ? 694 SER A CA  1 
ATOM   697 C C   . SER A 1 89  ? -6.791  -6.989  14.288  1.00 41.47 ? 694 SER A C   1 
ATOM   698 O O   . SER A 1 89  ? -7.345  -8.068  14.073  1.00 41.46 ? 694 SER A O   1 
ATOM   699 C CB  . SER A 1 89  ? -8.651  -5.511  13.527  1.00 41.41 ? 694 SER A CB  1 
ATOM   700 O OG  . SER A 1 89  ? -7.992  -5.314  12.273  1.00 42.18 ? 694 SER A OG  1 
ATOM   701 N N   . ARG A 1 90  ? -5.463  -6.811  14.214  1.00 41.87 ? 695 ARG A N   1 
ATOM   702 C CA  . ARG A 1 90  ? -4.499  -7.886  13.893  1.00 42.29 ? 695 ARG A CA  1 
ATOM   703 C C   . ARG A 1 90  ? -4.814  -8.650  12.600  1.00 41.48 ? 695 ARG A C   1 
ATOM   704 O O   . ARG A 1 90  ? -4.569  -9.850  12.492  1.00 42.26 ? 695 ARG A O   1 
ATOM   705 C CB  . ARG A 1 90  ? -4.357  -8.856  15.076  1.00 43.17 ? 695 ARG A CB  1 
ATOM   706 C CG  . ARG A 1 90  ? -3.805  -8.213  16.395  1.00 46.19 ? 695 ARG A CG  1 
ATOM   707 C CD  . ARG A 1 90  ? -2.370  -7.659  16.282  1.00 49.10 ? 695 ARG A CD  1 
ATOM   708 N NE  . ARG A 1 90  ? -1.837  -7.206  17.585  1.00 52.11 ? 695 ARG A NE  1 
ATOM   709 C CZ  . ARG A 1 90  ? -2.188  -6.076  18.233  1.00 53.91 ? 695 ARG A CZ  1 
ATOM   710 N NH1 . ARG A 1 90  ? -3.090  -5.232  17.725  1.00 53.76 ? 695 ARG A NH1 1 
ATOM   711 N NH2 . ARG A 1 90  ? -1.633  -5.781  19.418  1.00 53.35 ? 695 ARG A NH2 1 
ATOM   712 N N   . ARG A 1 91  ? -5.353  -7.946  11.620  1.00 40.45 ? 696 ARG A N   1 
ATOM   713 C CA  . ARG A 1 91  ? -5.661  -8.537  10.330  1.00 39.83 ? 696 ARG A CA  1 
ATOM   714 C C   . ARG A 1 91  ? -4.439  -8.449  9.417   1.00 38.71 ? 696 ARG A C   1 
ATOM   715 O O   . ARG A 1 91  ? -3.628  -7.538  9.548   1.00 38.75 ? 696 ARG A O   1 
ATOM   716 C CB  . ARG A 1 91  ? -6.852  -7.813  9.662   1.00 39.78 ? 696 ARG A CB  1 
ATOM   717 C CG  . ARG A 1 91  ? -8.235  -8.291  10.138  1.00 41.25 ? 696 ARG A CG  1 
ATOM   718 C CD  . ARG A 1 91  ? -9.373  -7.697  9.250   1.00 41.91 ? 696 ARG A CD  1 
ATOM   719 N N   . PRO A 1 92  ? -4.313  -9.391  8.479   1.00 37.73 ? 697 PRO A N   1 
ATOM   720 C CA  . PRO A 1 92  ? -3.361  -9.246  7.388   1.00 37.15 ? 697 PRO A CA  1 
ATOM   721 C C   . PRO A 1 92  ? -3.588  -7.940  6.646   1.00 36.36 ? 697 PRO A C   1 
ATOM   722 O O   . PRO A 1 92  ? -4.733  -7.569  6.416   1.00 35.99 ? 697 PRO A O   1 
ATOM   723 C CB  . PRO A 1 92  ? -3.702  -10.419 6.460   1.00 37.03 ? 697 PRO A CB  1 
ATOM   724 C CG  . PRO A 1 92  ? -4.312  -11.428 7.328   1.00 37.99 ? 697 PRO A CG  1 
ATOM   725 C CD  . PRO A 1 92  ? -5.040  -10.675 8.413   1.00 37.95 ? 697 PRO A CD  1 
ATOM   726 N N   . LEU A 1 93  ? -2.502  -7.260  6.280   1.00 35.73 ? 698 LEU A N   1 
ATOM   727 C CA  . LEU A 1 93  ? -2.580  -6.011  5.522   1.00 35.32 ? 698 LEU A CA  1 
ATOM   728 C C   . LEU A 1 93  ? -2.297  -6.285  4.059   1.00 35.23 ? 698 LEU A C   1 
ATOM   729 O O   . LEU A 1 93  ? -1.228  -6.757  3.745   1.00 35.26 ? 698 LEU A O   1 
ATOM   730 C CB  . LEU A 1 93  ? -1.541  -5.005  6.040   1.00 34.83 ? 698 LEU A CB  1 
ATOM   731 C CG  . LEU A 1 93  ? -1.571  -3.611  5.407   1.00 33.21 ? 698 LEU A CG  1 
ATOM   732 C CD1 . LEU A 1 93  ? -2.894  -2.938  5.730   1.00 30.68 ? 698 LEU A CD1 1 
ATOM   733 C CD2 . LEU A 1 93  ? -0.402  -2.755  5.894   1.00 32.61 ? 698 LEU A CD2 1 
ATOM   734 N N   . ARG A 1 94  ? -3.252  -5.972  3.186   1.00 35.22 ? 699 ARG A N   1 
ATOM   735 C CA  . ARG A 1 94  ? -3.083  -6.084  1.737   1.00 35.62 ? 699 ARG A CA  1 
ATOM   736 C C   . ARG A 1 94  ? -2.912  -4.711  1.125   1.00 35.06 ? 699 ARG A C   1 
ATOM   737 O O   . ARG A 1 94  ? -3.705  -3.805  1.388   1.00 35.28 ? 699 ARG A O   1 
ATOM   738 C CB  . ARG A 1 94  ? -4.288  -6.785  1.111   1.00 36.14 ? 699 ARG A CB  1 
ATOM   739 C CG  . ARG A 1 94  ? -4.422  -8.223  1.602   1.00 39.18 ? 699 ARG A CG  1 
ATOM   740 C CD  . ARG A 1 94  ? -5.585  -8.950  0.965   1.00 43.55 ? 699 ARG A CD  1 
ATOM   741 N NE  . ARG A 1 94  ? -5.391  -10.406 1.035   1.00 48.05 ? 699 ARG A NE  1 
ATOM   742 C CZ  . ARG A 1 94  ? -5.709  -11.179 2.085   1.00 51.07 ? 699 ARG A CZ  1 
ATOM   743 N NH1 . ARG A 1 94  ? -5.487  -12.487 2.020   1.00 52.34 ? 699 ARG A NH1 1 
ATOM   744 N NH2 . ARG A 1 94  ? -6.242  -10.664 3.203   1.00 51.33 ? 699 ARG A NH2 1 
ATOM   745 N N   . LEU A 1 95  ? -1.861  -4.564  0.329   1.00 34.48 ? 700 LEU A N   1 
ATOM   746 C CA  . LEU A 1 95  ? -1.467  -3.292  -0.243  1.00 34.50 ? 700 LEU A CA  1 
ATOM   747 C C   . LEU A 1 95  ? -1.316  -3.478  -1.750  1.00 34.55 ? 700 LEU A C   1 
ATOM   748 O O   . LEU A 1 95  ? -0.828  -4.514  -2.188  1.00 34.23 ? 700 LEU A O   1 
ATOM   749 C CB  . LEU A 1 95  ? -0.109  -2.831  0.317   1.00 34.40 ? 700 LEU A CB  1 
ATOM   750 C CG  . LEU A 1 95  ? 0.037   -2.498  1.807   1.00 35.31 ? 700 LEU A CG  1 
ATOM   751 C CD1 . LEU A 1 95  ? 1.449   -2.012  2.135   1.00 35.30 ? 700 LEU A CD1 1 
ATOM   752 C CD2 . LEU A 1 95  ? -0.983  -1.481  2.297   1.00 34.22 ? 700 LEU A CD2 1 
ATOM   753 N N   . LEU A 1 96  ? -1.741  -2.480  -2.525  1.00 34.10 ? 701 LEU A N   1 
ATOM   754 C CA  . LEU A 1 96  ? -1.294  -2.316  -3.897  1.00 33.69 ? 701 LEU A CA  1 
ATOM   755 C C   . LEU A 1 96  ? -0.234  -1.226  -3.828  1.00 34.36 ? 701 LEU A C   1 
ATOM   756 O O   . LEU A 1 96  ? -0.524  -0.125  -3.376  1.00 34.69 ? 701 LEU A O   1 
ATOM   757 C CB  . LEU A 1 96  ? -2.438  -1.873  -4.772  1.00 33.32 ? 701 LEU A CB  1 
ATOM   758 C CG  . LEU A 1 96  ? -2.192  -1.695  -6.265  1.00 32.60 ? 701 LEU A CG  1 
ATOM   759 C CD1 . LEU A 1 96  ? -1.846  -3.044  -6.925  1.00 28.94 ? 701 LEU A CD1 1 
ATOM   760 C CD2 . LEU A 1 96  ? -3.454  -1.106  -6.852  1.00 30.74 ? 701 LEU A CD2 1 
ATOM   761 N N   . VAL A 1 97  ? 0.986   -1.536  -4.267  1.00 34.98 ? 702 VAL A N   1 
ATOM   762 C CA  . VAL A 1 97  ? 2.118   -0.624  -4.171  1.00 35.59 ? 702 VAL A CA  1 
ATOM   763 C C   . VAL A 1 97  ? 2.720   -0.393  -5.557  1.00 36.51 ? 702 VAL A C   1 
ATOM   764 O O   . VAL A 1 97  ? 2.730   -1.292  -6.388  1.00 36.18 ? 702 VAL A O   1 
ATOM   765 C CB  . VAL A 1 97  ? 3.162   -1.206  -3.246  1.00 35.70 ? 702 VAL A CB  1 
ATOM   766 C CG1 . VAL A 1 97  ? 4.350   -0.291  -3.148  1.00 36.78 ? 702 VAL A CG1 1 
ATOM   767 C CG2 . VAL A 1 97  ? 2.548   -1.437  -1.846  1.00 34.29 ? 702 VAL A CG2 1 
ATOM   768 N N   . ALA A 1 98  ? 3.210   0.818   -5.804  1.00 37.57 ? 703 ALA A N   1 
ATOM   769 C CA  . ALA A 1 98  ? 3.845   1.148   -7.081  1.00 38.62 ? 703 ALA A CA  1 
ATOM   770 C C   . ALA A 1 98  ? 5.088   0.305   -7.299  1.00 39.97 ? 703 ALA A C   1 
ATOM   771 O O   . ALA A 1 98  ? 5.845   0.064   -6.353  1.00 39.48 ? 703 ALA A O   1 
ATOM   772 C CB  . ALA A 1 98  ? 4.232   2.628   -7.116  1.00 38.61 ? 703 ALA A CB  1 
ATOM   773 N N   . THR A 1 99  ? 5.297   -0.137  -8.544  1.00 41.81 ? 704 THR A N   1 
ATOM   774 C CA  . THR A 1 99  ? 6.576   -0.720  -8.967  1.00 43.65 ? 704 THR A CA  1 
ATOM   775 C C   . THR A 1 99  ? 7.529   0.420   -9.345  1.00 45.38 ? 704 THR A C   1 
ATOM   776 O O   . THR A 1 99  ? 7.144   1.581   -9.314  1.00 45.42 ? 704 THR A O   1 
ATOM   777 C CB  . THR A 1 99  ? 6.396   -1.629  -10.175 1.00 43.79 ? 704 THR A CB  1 
ATOM   778 O OG1 . THR A 1 99  ? 5.610   -0.939  -11.164 1.00 44.12 ? 704 THR A OG1 1 
ATOM   779 C CG2 . THR A 1 99  ? 5.707   -2.905  -9.769  1.00 43.27 ? 704 THR A CG2 1 
ATOM   780 N N   . LYS A 1 100 ? 8.772   0.091   -9.705  1.00 47.60 ? 705 LYS A N   1 
ATOM   781 C CA  . LYS A 1 100 ? 9.783   1.115   -9.993  1.00 49.17 ? 705 LYS A CA  1 
ATOM   782 C C   . LYS A 1 100 ? 9.475   1.858   -11.298 1.00 50.51 ? 705 LYS A C   1 
ATOM   783 O O   . LYS A 1 100 ? 8.881   1.287   -12.241 1.00 50.18 ? 705 LYS A O   1 
ATOM   784 C CB  . LYS A 1 100 ? 11.186  0.496   -10.071 1.00 49.48 ? 705 LYS A CB  1 
ATOM   785 C CG  . LYS A 1 100 ? 12.310  1.518   -10.289 1.00 50.48 ? 705 LYS A CG  1 
ATOM   786 N N   . ALA A 1 101 ? 9.894   3.127   -11.341 1.00 51.87 ? 706 ALA A N   1 
ATOM   787 C CA  . ALA A 1 101 ? 9.702   3.981   -12.517 1.00 52.84 ? 706 ALA A CA  1 
ATOM   788 C C   . ALA A 1 101 ? 10.501  3.460   -13.725 1.00 53.46 ? 706 ALA A C   1 
ATOM   789 O O   . ALA A 1 101 ? 9.965   2.715   -14.570 1.00 54.44 ? 706 ALA A O   1 
ATOM   790 C CB  . ALA A 1 101 ? 10.106  5.426   -12.188 1.00 53.09 ? 706 ALA A CB  1 
HETATM 791 X UNK . UNX B 2 .   ? -6.908  -2.339  -5.214  1.00 30.00 ? 1   UNX A UNK 1 
HETATM 792 X UNK . UNX C 2 .   ? -2.520  7.677   -5.377  1.00 30.00 ? 2   UNX A UNK 1 
HETATM 793 X UNK . UNX D 2 .   ? 9.535   -3.488  -8.658  1.00 30.00 ? 3   UNX A UNK 1 
HETATM 794 X UNK . UNX E 2 .   ? -2.580  -7.416  -1.640  1.00 30.00 ? 4   UNX A UNK 1 
HETATM 795 X UNK . UNX F 2 .   ? -8.393  -7.212  0.578   1.00 30.00 ? 5   UNX A UNK 1 
HETATM 796 X UNK . UNX G 2 .   ? -15.666 -1.882  -25.035 1.00 30.00 ? 6   UNX A UNK 1 
HETATM 797 X UNK . UNX H 2 .   ? -9.329  -7.513  -26.608 1.00 30.00 ? 7   UNX A UNK 1 
HETATM 798 X UNK . UNX I 2 .   ? 15.283  -0.524  11.013  1.00 30.00 ? 8   UNX A UNK 1 
HETATM 799 O O   . HOH J 3 .   ? 6.209   5.076   -6.471  1.00 37.67 ? 9   HOH A O   1 
HETATM 800 O O   . HOH J 3 .   ? -4.720  5.813   -4.715  1.00 31.41 ? 10  HOH A O   1 
HETATM 801 O O   . HOH J 3 .   ? -8.797  -1.874  5.842   1.00 36.45 ? 11  HOH A O   1 
HETATM 802 O O   . HOH J 3 .   ? -10.357 -2.568  9.555   1.00 26.08 ? 12  HOH A O   1 
HETATM 803 O O   . HOH J 3 .   ? -11.566 2.099   -3.519  1.00 39.42 ? 13  HOH A O   1 
HETATM 804 O O   . HOH J 3 .   ? 7.056   -3.004  -13.804 1.00 50.55 ? 14  HOH A O   1 
HETATM 805 O O   . HOH J 3 .   ? 7.443   -2.185  -2.600  1.00 43.97 ? 15  HOH A O   1 
HETATM 806 O O   . HOH J 3 .   ? -0.452  0.602   14.491  1.00 54.78 ? 16  HOH A O   1 
HETATM 807 O O   . HOH J 3 .   ? 13.003  2.102   -6.105  1.00 51.21 ? 17  HOH A O   1 
HETATM 808 O O   . HOH J 3 .   ? 3.037   3.193   -10.634 1.00 32.75 ? 707 HOH A O   1 
HETATM 809 O O   . HOH J 3 .   ? 0.959   -8.485  -7.847  1.00 31.01 ? 708 HOH A O   1 
HETATM 810 O O   . HOH J 3 .   ? -4.987  -3.219  -1.323  1.00 31.19 ? 709 HOH A O   1 
HETATM 811 O O   . HOH J 3 .   ? 2.182   -0.055  10.060  1.00 38.48 ? 710 HOH A O   1 
HETATM 812 O O   . HOH J 3 .   ? 9.059   1.858   10.279  1.00 45.82 ? 711 HOH A O   1 
HETATM 813 O O   . HOH J 3 .   ? -0.702  7.354   -2.948  1.00 30.42 ? 712 HOH A O   1 
HETATM 814 O O   . HOH J 3 .   ? 3.337   -11.500 1.340   1.00 41.82 ? 713 HOH A O   1 
# 
